data_8B81
#
_entry.id   8B81
#
_cell.length_a   107.900
_cell.length_b   68.380
_cell.length_c   149.800
_cell.angle_alpha   90.000
_cell.angle_beta   99.360
_cell.angle_gamma   90.000
#
_symmetry.space_group_name_H-M   'C 1 2 1'
#
loop_
_entity.id
_entity.type
_entity.pdbx_description
1 polymer 'Putative 6-phospho-beta-galactobiosidase'
2 branched 6-O-phosphono-beta-D-glucopyranose-(1-4)-beta-D-glucopyranose
3 non-polymer IMIDAZOLE
4 water water
#
_entity_poly.entity_id   1
_entity_poly.type   'polypeptide(L)'
_entity_poly.pdbx_seq_one_letter_code
;MEHRHLKPFPPEFLWGAASAAYQVEGAWNEDGKGLSVWDVFAKQPGRTFKGTNGDVAVDHYHRYQEDVALMAEMGLKAYR
FSVSWSRVFPDGNGAVNEKGLDFYDRLIEELRNHGIEPIVTLYHWDVPQALMDAYGAWESRRIIDDFDRYAVTLFQRFGD
RVKYWVTLNEQNIFISFGYRLGLHPPGVKDMKRMYEANHIANLANAKVIQSFRHYVPDGKIGPSFAYSPMYPYDSRPENV
LAFENAEEFQNHWWMDVYAWGMYPQAAWNYLESQGLEPTVAPGDWELLQAAKPDFMGVNYYQTTTVEHNPPDGVGEGVMN
TTGKKGTSTSSGIPGLFKTVRNPHVDTTNWDWAIDPVGLRIGLRRIANRYQLPILITENGLGEFDTLEPGDIVNDDYRID
YLRRHVQEIQRAITDGVDVLGYCAWSFTDLLSALNGYQKRYGFVYVNRDDESEKDLRRIKKKSFYWYQRVIETNGAEL
;
_entity_poly.pdbx_strand_id   A,B
#
loop_
_chem_comp.id
_chem_comp.type
_chem_comp.name
_chem_comp.formula
BG6 D-saccharide, beta linking 6-O-phosphono-beta-D-glucopyranose 'C6 H13 O9 P'
BGC D-saccharide, beta linking beta-D-glucopyranose 'C6 H12 O6'
IMD non-polymer IMIDAZOLE 'C3 H5 N2 1'
#
# COMPACT_ATOMS: atom_id res chain seq x y z
N HIS A 5 -25.05 7.90 4.89
CA HIS A 5 -25.12 8.55 6.23
C HIS A 5 -23.71 8.99 6.62
N LEU A 6 -23.38 10.25 6.41
CA LEU A 6 -22.02 10.68 6.79
C LEU A 6 -21.90 10.84 8.28
N LYS A 7 -20.77 10.45 8.81
CA LYS A 7 -20.54 10.62 10.24
C LYS A 7 -20.24 12.07 10.41
N PRO A 8 -20.58 12.87 11.59
CA PRO A 8 -20.25 14.27 11.86
C PRO A 8 -18.76 14.42 12.08
N PHE A 9 -18.28 15.64 11.93
CA PHE A 9 -16.93 15.91 12.38
C PHE A 9 -16.89 15.76 13.89
N PRO A 10 -15.79 15.23 14.44
CA PRO A 10 -15.72 15.06 15.88
C PRO A 10 -15.78 16.41 16.58
N PRO A 11 -16.25 16.43 17.83
CA PRO A 11 -16.56 17.73 18.47
C PRO A 11 -15.36 18.64 18.62
N GLU A 12 -14.18 18.09 18.86
CA GLU A 12 -13.00 18.94 19.03
C GLU A 12 -12.13 18.99 17.78
N PHE A 13 -12.71 18.71 16.61
CA PHE A 13 -11.99 18.82 15.35
C PHE A 13 -11.30 20.18 15.23
N LEU A 14 -10.03 20.17 14.84
CA LEU A 14 -9.24 21.41 14.83
C LEU A 14 -9.41 22.10 13.48
N TRP A 15 -10.39 23.00 13.40
CA TRP A 15 -10.56 23.84 12.22
C TRP A 15 -9.49 24.92 12.26
N GLY A 16 -8.56 24.88 11.32
CA GLY A 16 -7.41 25.75 11.36
C GLY A 16 -7.13 26.49 10.07
N ALA A 17 -6.11 27.34 10.13
CA ALA A 17 -5.49 27.99 8.98
C ALA A 17 -4.01 28.09 9.28
N ALA A 18 -3.21 28.30 8.24
CA ALA A 18 -1.77 28.12 8.38
C ALA A 18 -0.99 29.24 7.69
N SER A 19 0.27 29.40 8.11
CA SER A 19 1.23 30.26 7.43
C SER A 19 2.63 29.67 7.62
N ALA A 20 3.65 30.40 7.12
CA ALA A 20 5.06 30.04 7.29
C ALA A 20 5.84 31.33 7.47
N ALA A 21 6.93 31.24 8.23
CA ALA A 21 7.58 32.45 8.75
C ALA A 21 8.16 33.31 7.64
N TYR A 22 9.00 32.73 6.78
CA TYR A 22 9.62 33.52 5.72
C TYR A 22 8.57 34.06 4.76
N GLN A 23 7.50 33.31 4.56
CA GLN A 23 6.47 33.77 3.65
C GLN A 23 5.55 34.86 4.23
N VAL A 24 5.47 35.03 5.56
CA VAL A 24 4.44 35.91 6.13
C VAL A 24 5.02 37.05 6.98
N GLU A 25 6.18 36.83 7.62
CA GLU A 25 6.59 37.71 8.72
C GLU A 25 7.14 39.07 8.29
N GLY A 26 8.06 39.10 7.33
CA GLY A 26 8.85 40.31 7.14
C GLY A 26 9.83 40.50 8.28
N ALA A 27 10.19 41.75 8.55
CA ALA A 27 11.13 42.04 9.62
C ALA A 27 12.37 41.17 9.51
N TRP A 28 12.91 41.06 8.29
CA TRP A 28 13.93 40.07 8.00
C TRP A 28 15.25 40.34 8.72
N ASN A 29 15.49 41.57 9.13
CA ASN A 29 16.74 41.97 9.75
C ASN A 29 16.52 42.75 11.04
N GLU A 30 15.40 42.51 11.70
CA GLU A 30 15.05 43.25 12.91
C GLU A 30 15.19 42.38 14.14
N ASP A 31 15.38 43.07 15.27
CA ASP A 31 15.36 42.47 16.61
C ASP A 31 16.34 41.31 16.70
N GLY A 32 17.46 41.45 16.00
CA GLY A 32 18.57 40.54 16.11
C GLY A 32 18.50 39.34 15.19
N LYS A 33 17.46 39.24 14.36
CA LYS A 33 17.34 38.06 13.50
C LYS A 33 18.52 37.94 12.56
N GLY A 34 19.04 36.72 12.40
CA GLY A 34 20.09 36.47 11.44
C GLY A 34 19.55 36.12 10.06
N LEU A 35 20.46 36.01 9.10
CA LEU A 35 20.09 35.61 7.75
C LEU A 35 19.67 34.16 7.70
N SER A 36 18.58 33.87 7.00
CA SER A 36 18.25 32.49 6.67
C SER A 36 18.73 32.19 5.25
N VAL A 37 18.69 30.91 4.88
CA VAL A 37 19.11 30.59 3.52
C VAL A 37 18.16 31.22 2.52
N TRP A 38 16.90 31.46 2.90
CA TRP A 38 15.97 32.06 1.96
C TRP A 38 16.19 33.56 1.81
N ASP A 39 16.57 34.27 2.87
CA ASP A 39 16.97 35.66 2.74
C ASP A 39 18.03 35.80 1.65
N VAL A 40 19.03 34.92 1.68
CA VAL A 40 20.17 35.02 0.76
C VAL A 40 19.77 34.53 -0.63
N PHE A 41 19.13 33.36 -0.71
CA PHE A 41 18.79 32.76 -2.00
C PHE A 41 17.88 33.68 -2.81
N ALA A 42 16.86 34.23 -2.18
CA ALA A 42 15.85 34.99 -2.92
C ALA A 42 16.40 36.29 -3.47
N LYS A 43 17.51 36.75 -2.95
CA LYS A 43 18.16 37.95 -3.47
C LYS A 43 19.19 37.65 -4.54
N GLN A 44 19.42 36.37 -4.84
CA GLN A 44 20.21 36.03 -6.03
C GLN A 44 19.36 36.29 -7.27
N PRO A 45 19.88 37.00 -8.26
CA PRO A 45 19.08 37.28 -9.46
C PRO A 45 18.57 36.01 -10.11
N GLY A 46 17.29 36.01 -10.49
CA GLY A 46 16.71 34.92 -11.22
C GLY A 46 16.16 33.78 -10.39
N ARG A 47 16.24 33.84 -9.07
CA ARG A 47 15.83 32.70 -8.26
C ARG A 47 14.35 32.70 -7.93
N THR A 48 13.69 33.87 -7.93
CA THR A 48 12.30 33.94 -7.51
C THR A 48 11.51 34.78 -8.51
N PHE A 49 10.19 34.68 -8.40
CA PHE A 49 9.32 35.33 -9.37
C PHE A 49 9.39 36.84 -9.21
N LYS A 50 9.81 37.53 -10.27
CA LYS A 50 9.93 38.99 -10.27
C LYS A 50 10.81 39.46 -9.11
N GLY A 51 11.74 38.61 -8.70
CA GLY A 51 12.64 38.95 -7.61
C GLY A 51 11.96 39.13 -6.27
N THR A 52 10.73 38.63 -6.12
CA THR A 52 10.04 38.79 -4.85
C THR A 52 10.79 38.06 -3.74
N ASN A 53 10.70 38.60 -2.52
CA ASN A 53 11.39 38.02 -1.38
C ASN A 53 10.63 38.35 -0.11
N GLY A 54 11.14 37.87 1.04
CA GLY A 54 10.46 38.00 2.31
C GLY A 54 10.96 39.14 3.20
N ASP A 55 11.62 40.15 2.64
CA ASP A 55 12.05 41.28 3.47
C ASP A 55 10.91 41.86 4.28
N VAL A 56 9.74 42.03 3.64
CA VAL A 56 8.55 42.58 4.28
C VAL A 56 7.43 41.56 4.27
N ALA A 57 7.32 40.79 3.19
CA ALA A 57 6.22 39.83 3.03
C ALA A 57 4.88 40.55 3.23
N VAL A 58 4.05 40.10 4.16
CA VAL A 58 2.86 40.86 4.53
C VAL A 58 2.98 41.46 5.93
N ASP A 59 4.20 41.53 6.45
CA ASP A 59 4.53 42.26 7.69
C ASP A 59 3.76 41.73 8.91
N HIS A 60 3.52 40.42 8.95
CA HIS A 60 2.84 39.82 10.08
C HIS A 60 3.66 40.00 11.37
N TYR A 61 4.98 40.13 11.27
CA TYR A 61 5.79 40.33 12.47
C TYR A 61 5.32 41.54 13.26
N HIS A 62 5.04 42.64 12.57
CA HIS A 62 4.55 43.83 13.26
C HIS A 62 3.05 43.88 13.40
N ARG A 63 2.31 43.18 12.54
CA ARG A 63 0.86 43.31 12.47
CA ARG A 63 0.87 43.31 12.48
C ARG A 63 0.14 42.09 13.06
N TYR A 64 0.87 41.24 13.80
CA TYR A 64 0.26 39.99 14.31
C TYR A 64 -0.97 40.23 15.17
N GLN A 65 -1.05 41.37 15.89
CA GLN A 65 -2.24 41.59 16.72
C GLN A 65 -3.47 41.78 15.86
N GLU A 66 -3.35 42.54 14.76
CA GLU A 66 -4.46 42.70 13.83
C GLU A 66 -4.85 41.36 13.22
N ASP A 67 -3.86 40.57 12.82
CA ASP A 67 -4.14 39.27 12.20
C ASP A 67 -4.81 38.31 13.17
N VAL A 68 -4.33 38.25 14.42
CA VAL A 68 -4.97 37.35 15.38
C VAL A 68 -6.40 37.80 15.67
N ALA A 69 -6.65 39.12 15.71
CA ALA A 69 -8.03 39.59 15.89
C ALA A 69 -8.92 39.09 14.76
N LEU A 70 -8.39 39.04 13.52
CA LEU A 70 -9.19 38.51 12.42
C LEU A 70 -9.41 37.01 12.57
N MET A 71 -8.41 36.30 13.08
CA MET A 71 -8.59 34.87 13.35
C MET A 71 -9.71 34.66 14.35
N ALA A 72 -9.76 35.51 15.38
CA ALA A 72 -10.80 35.37 16.40
C ALA A 72 -12.17 35.71 15.84
N GLU A 73 -12.25 36.72 14.98
CA GLU A 73 -13.50 37.03 14.29
C GLU A 73 -13.98 35.86 13.43
N MET A 74 -13.05 35.20 12.74
CA MET A 74 -13.42 34.00 12.00
C MET A 74 -13.81 32.85 12.94
N GLY A 75 -13.33 32.87 14.18
CA GLY A 75 -13.55 31.76 15.07
C GLY A 75 -12.63 30.58 14.86
N LEU A 76 -11.44 30.80 14.29
CA LEU A 76 -10.47 29.72 14.11
C LEU A 76 -10.24 28.94 15.39
N LYS A 77 -10.28 27.62 15.29
CA LYS A 77 -9.96 26.79 16.45
C LYS A 77 -8.47 26.63 16.63
N ALA A 78 -7.71 26.67 15.54
CA ALA A 78 -6.27 26.45 15.57
C ALA A 78 -5.61 27.32 14.51
N TYR A 79 -4.39 27.78 14.80
CA TYR A 79 -3.57 28.51 13.86
C TYR A 79 -2.19 27.85 13.84
N ARG A 80 -1.78 27.38 12.66
CA ARG A 80 -0.49 26.73 12.49
C ARG A 80 0.47 27.72 11.87
N PHE A 81 1.57 27.96 12.56
CA PHE A 81 2.60 28.85 12.07
C PHE A 81 3.94 28.17 12.25
N SER A 82 4.96 28.73 11.61
CA SER A 82 6.30 28.20 11.75
C SER A 82 7.17 29.21 12.51
N VAL A 83 8.15 28.70 13.25
CA VAL A 83 9.09 29.53 13.99
C VAL A 83 10.33 29.73 13.12
N SER A 84 10.79 30.98 13.03
CA SER A 84 11.98 31.30 12.23
C SER A 84 13.21 30.96 13.07
N TRP A 85 13.92 29.90 12.69
CA TRP A 85 15.11 29.49 13.41
C TRP A 85 16.08 30.64 13.56
N SER A 86 16.24 31.45 12.51
CA SER A 86 17.23 32.52 12.54
CA SER A 86 17.21 32.55 12.50
C SER A 86 16.84 33.67 13.45
N ARG A 87 15.58 33.76 13.89
CA ARG A 87 15.26 34.71 14.95
C ARG A 87 15.72 34.20 16.31
N VAL A 88 15.70 32.89 16.52
CA VAL A 88 16.02 32.32 17.83
C VAL A 88 17.52 32.11 17.99
N PHE A 89 18.16 31.55 16.96
CA PHE A 89 19.62 31.43 16.87
C PHE A 89 20.08 32.16 15.62
N PRO A 90 20.45 33.43 15.72
CA PRO A 90 20.88 34.17 14.51
C PRO A 90 22.02 33.51 13.77
N ASP A 91 22.93 32.81 14.44
CA ASP A 91 23.97 32.07 13.74
C ASP A 91 23.69 30.58 13.75
N GLY A 92 22.45 30.18 14.05
CA GLY A 92 22.05 28.80 13.96
C GLY A 92 22.31 27.93 15.16
N ASN A 93 23.48 28.09 15.80
CA ASN A 93 23.82 27.18 16.88
C ASN A 93 24.57 27.82 18.02
N GLY A 94 24.65 29.15 18.10
CA GLY A 94 25.35 29.81 19.19
C GLY A 94 24.42 30.23 20.32
N ALA A 95 24.46 31.50 20.69
CA ALA A 95 23.68 32.02 21.81
C ALA A 95 22.27 32.38 21.35
N VAL A 96 21.31 32.18 22.26
CA VAL A 96 19.90 32.43 21.95
C VAL A 96 19.64 33.93 21.88
N ASN A 97 18.82 34.32 20.90
CA ASN A 97 18.33 35.69 20.77
CA ASN A 97 18.33 35.70 20.76
C ASN A 97 16.98 35.78 21.47
N GLU A 98 16.98 36.32 22.69
CA GLU A 98 15.75 36.35 23.48
CA GLU A 98 15.75 36.33 23.48
C GLU A 98 14.65 37.13 22.79
N LYS A 99 15.00 38.22 22.09
CA LYS A 99 13.97 38.97 21.35
C LYS A 99 13.26 38.08 20.34
N GLY A 100 13.95 37.09 19.77
CA GLY A 100 13.31 36.17 18.85
C GLY A 100 12.29 35.28 19.54
N LEU A 101 12.69 34.65 20.65
CA LEU A 101 11.71 33.87 21.42
C LEU A 101 10.57 34.74 21.88
N ASP A 102 10.86 36.00 22.23
CA ASP A 102 9.83 36.86 22.78
C ASP A 102 8.73 37.13 21.77
N PHE A 103 9.08 37.21 20.48
CA PHE A 103 8.04 37.41 19.46
C PHE A 103 7.07 36.24 19.45
N TYR A 104 7.60 35.01 19.42
CA TYR A 104 6.70 33.87 19.42
C TYR A 104 5.97 33.73 20.74
N ASP A 105 6.59 34.15 21.84
CA ASP A 105 5.85 34.20 23.11
C ASP A 105 4.65 35.14 22.99
N ARG A 106 4.87 36.35 22.48
CA ARG A 106 3.78 37.31 22.34
C ARG A 106 2.70 36.78 21.40
N LEU A 107 3.12 36.14 20.30
CA LEU A 107 2.17 35.55 19.36
C LEU A 107 1.34 34.47 20.03
N ILE A 108 1.99 33.56 20.75
CA ILE A 108 1.28 32.46 21.39
C ILE A 108 0.32 33.01 22.44
N GLU A 109 0.74 34.02 23.19
CA GLU A 109 -0.15 34.63 24.18
C GLU A 109 -1.36 35.28 23.50
N GLU A 110 -1.13 35.95 22.37
CA GLU A 110 -2.24 36.55 21.63
C GLU A 110 -3.23 35.50 21.16
N LEU A 111 -2.73 34.39 20.62
CA LEU A 111 -3.60 33.29 20.21
C LEU A 111 -4.38 32.73 21.38
N ARG A 112 -3.69 32.45 22.49
CA ARG A 112 -4.37 31.81 23.63
CA ARG A 112 -4.39 31.81 23.59
C ARG A 112 -5.37 32.75 24.27
N ASN A 113 -5.10 34.05 24.28
CA ASN A 113 -6.05 35.00 24.83
C ASN A 113 -7.31 35.11 23.99
N HIS A 114 -7.28 34.64 22.74
CA HIS A 114 -8.45 34.62 21.88
C HIS A 114 -8.98 33.21 21.65
N GLY A 115 -8.55 32.24 22.46
CA GLY A 115 -9.10 30.90 22.40
C GLY A 115 -8.66 30.07 21.23
N ILE A 116 -7.53 30.39 20.61
CA ILE A 116 -7.04 29.72 19.42
C ILE A 116 -5.88 28.80 19.80
N GLU A 117 -5.96 27.56 19.37
CA GLU A 117 -4.91 26.58 19.64
C GLU A 117 -3.70 26.87 18.76
N PRO A 118 -2.52 27.11 19.32
CA PRO A 118 -1.33 27.20 18.48
C PRO A 118 -0.87 25.82 18.04
N ILE A 119 -0.49 25.72 16.77
CA ILE A 119 0.20 24.54 16.26
C ILE A 119 1.55 25.04 15.77
N VAL A 120 2.63 24.68 16.48
CA VAL A 120 3.96 25.21 16.17
C VAL A 120 4.67 24.28 15.20
N THR A 121 5.15 24.84 14.09
CA THR A 121 5.95 24.13 13.10
C THR A 121 7.41 24.50 13.29
N LEU A 122 8.26 23.51 13.62
CA LEU A 122 9.66 23.84 13.91
C LEU A 122 10.37 24.39 12.69
N TYR A 123 10.11 23.82 11.52
CA TYR A 123 10.99 24.08 10.38
C TYR A 123 10.19 24.19 9.09
N HIS A 124 10.17 25.38 8.50
CA HIS A 124 9.64 25.60 7.17
C HIS A 124 10.71 26.24 6.29
N TRP A 125 11.83 25.54 6.13
CA TRP A 125 12.77 25.66 5.02
C TRP A 125 13.83 26.74 5.26
N ASP A 126 13.80 27.42 6.40
CA ASP A 126 14.60 28.63 6.60
C ASP A 126 15.76 28.39 7.57
N VAL A 127 16.56 27.36 7.30
CA VAL A 127 17.73 27.12 8.15
C VAL A 127 18.62 28.34 8.13
N PRO A 128 19.23 28.75 9.25
CA PRO A 128 20.10 29.92 9.21
C PRO A 128 21.25 29.74 8.23
N GLN A 129 21.55 30.82 7.51
CA GLN A 129 22.64 30.79 6.53
C GLN A 129 23.96 30.43 7.19
N ALA A 130 24.14 30.81 8.46
CA ALA A 130 25.39 30.49 9.13
C ALA A 130 25.67 29.00 9.16
N LEU A 131 24.62 28.16 9.25
CA LEU A 131 24.86 26.72 9.25
C LEU A 131 25.15 26.20 7.84
N MET A 132 24.52 26.79 6.83
CA MET A 132 24.92 26.50 5.46
C MET A 132 26.38 26.85 5.24
N ASP A 133 26.79 28.01 5.72
CA ASP A 133 28.20 28.40 5.56
C ASP A 133 29.14 27.48 6.33
N ALA A 134 28.76 27.10 7.55
CA ALA A 134 29.70 26.38 8.43
C ALA A 134 29.92 24.95 7.97
N TYR A 135 28.84 24.29 7.54
CA TYR A 135 28.97 22.86 7.23
C TYR A 135 27.97 22.38 6.18
N GLY A 136 27.31 23.26 5.44
CA GLY A 136 26.39 22.82 4.42
C GLY A 136 25.03 22.42 4.95
N ALA A 137 24.66 22.88 6.14
CA ALA A 137 23.31 22.70 6.68
C ALA A 137 22.87 21.24 6.65
N TRP A 138 21.78 20.94 5.93
CA TRP A 138 21.18 19.61 6.02
C TRP A 138 22.07 18.50 5.45
N GLU A 139 23.13 18.84 4.74
CA GLU A 139 24.00 17.82 4.17
C GLU A 139 24.99 17.24 5.19
N SER A 140 25.04 17.81 6.39
CA SER A 140 25.99 17.42 7.42
C SER A 140 25.27 16.85 8.64
N ARG A 141 25.81 15.77 9.20
CA ARG A 141 25.26 15.27 10.45
C ARG A 141 25.32 16.28 11.58
N ARG A 142 26.12 17.35 11.44
CA ARG A 142 26.15 18.36 12.49
C ARG A 142 24.78 18.97 12.72
N ILE A 143 23.93 18.99 11.70
CA ILE A 143 22.64 19.63 11.84
C ILE A 143 21.73 18.87 12.79
N ILE A 144 21.99 17.58 13.05
CA ILE A 144 21.09 16.82 13.93
C ILE A 144 21.07 17.44 15.33
N ASP A 145 22.24 17.61 15.93
CA ASP A 145 22.27 18.17 17.28
C ASP A 145 21.96 19.67 17.27
N ASP A 146 22.27 20.37 16.18
CA ASP A 146 21.91 21.80 16.13
C ASP A 146 20.40 21.97 16.01
N PHE A 147 19.75 21.15 15.17
CA PHE A 147 18.30 21.18 15.11
C PHE A 147 17.69 20.77 16.45
N ASP A 148 18.26 19.75 17.09
CA ASP A 148 17.78 19.33 18.40
C ASP A 148 17.88 20.46 19.43
N ARG A 149 19.01 21.17 19.46
CA ARG A 149 19.16 22.29 20.38
C ARG A 149 18.03 23.30 20.17
N TYR A 150 17.79 23.65 18.90
CA TYR A 150 16.75 24.61 18.57
C TYR A 150 15.38 24.11 18.97
N ALA A 151 15.08 22.83 18.65
CA ALA A 151 13.78 22.28 19.01
C ALA A 151 13.56 22.28 20.51
N VAL A 152 14.57 21.84 21.28
CA VAL A 152 14.40 21.76 22.73
C VAL A 152 14.25 23.16 23.31
N THR A 153 14.94 24.14 22.74
CA THR A 153 14.75 25.53 23.14
C THR A 153 13.28 25.92 23.07
N LEU A 154 12.63 25.59 21.95
CA LEU A 154 11.19 25.89 21.82
C LEU A 154 10.35 25.01 22.74
N PHE A 155 10.70 23.72 22.87
CA PHE A 155 9.91 22.84 23.74
C PHE A 155 9.89 23.34 25.17
N GLN A 156 11.06 23.76 25.67
CA GLN A 156 11.13 24.27 27.03
C GLN A 156 10.36 25.57 27.20
N ARG A 157 10.48 26.48 26.22
CA ARG A 157 9.86 27.79 26.35
CA ARG A 157 9.87 27.79 26.36
C ARG A 157 8.36 27.75 26.15
N PHE A 158 7.86 26.88 25.26
CA PHE A 158 6.47 26.92 24.84
C PHE A 158 5.69 25.63 25.09
N GLY A 159 6.35 24.57 25.54
CA GLY A 159 5.70 23.27 25.74
C GLY A 159 4.52 23.31 26.69
N ASP A 160 4.50 24.29 27.58
CA ASP A 160 3.42 24.49 28.58
C ASP A 160 2.14 24.97 27.90
N ARG A 161 2.27 25.62 26.77
CA ARG A 161 1.13 26.28 26.13
C ARG A 161 0.85 25.72 24.74
N VAL A 162 1.68 24.81 24.25
CA VAL A 162 1.54 24.31 22.89
C VAL A 162 1.50 22.79 22.96
N LYS A 163 0.35 22.21 22.64
CA LYS A 163 0.18 20.77 22.61
C LYS A 163 0.58 20.17 21.27
N TYR A 164 0.26 20.83 20.16
CA TYR A 164 0.43 20.27 18.82
C TYR A 164 1.66 20.86 18.16
N TRP A 165 2.54 19.98 17.67
CA TRP A 165 3.82 20.41 17.11
C TRP A 165 4.07 19.68 15.81
N VAL A 166 4.63 20.39 14.84
CA VAL A 166 5.08 19.80 13.58
C VAL A 166 6.58 19.97 13.51
N THR A 167 7.28 18.92 13.11
CA THR A 167 8.74 18.99 13.04
C THR A 167 9.20 19.63 11.72
N LEU A 168 9.40 18.82 10.70
CA LEU A 168 9.79 19.29 9.37
C LEU A 168 8.57 19.40 8.48
N ASN A 169 8.36 20.57 7.91
CA ASN A 169 7.24 20.79 7.01
C ASN A 169 7.72 20.56 5.58
N GLU A 170 7.27 19.46 4.99
CA GLU A 170 7.55 19.17 3.56
C GLU A 170 9.04 18.96 3.31
N GLN A 171 9.60 18.08 4.12
CA GLN A 171 10.98 17.66 3.89
C GLN A 171 11.19 17.22 2.44
N ASN A 172 10.22 16.50 1.86
CA ASN A 172 10.40 16.03 0.49
C ASN A 172 10.53 17.20 -0.49
N ILE A 173 9.90 18.34 -0.20
CA ILE A 173 10.01 19.52 -1.04
C ILE A 173 11.32 20.24 -0.78
N PHE A 174 11.63 20.58 0.48
CA PHE A 174 12.82 21.43 0.63
C PHE A 174 14.09 20.65 0.34
N ILE A 175 14.08 19.32 0.50
CA ILE A 175 15.24 18.54 0.13
C ILE A 175 15.31 18.33 -1.38
N SER A 176 14.22 17.88 -2.02
CA SER A 176 14.29 17.63 -3.46
CA SER A 176 14.30 17.62 -3.46
CA SER A 176 14.29 17.63 -3.46
C SER A 176 14.47 18.92 -4.24
N PHE A 177 13.80 19.99 -3.82
CA PHE A 177 13.99 21.25 -4.52
C PHE A 177 15.34 21.86 -4.21
N GLY A 178 15.88 21.63 -3.01
CA GLY A 178 17.17 22.18 -2.67
C GLY A 178 18.34 21.45 -3.30
N TYR A 179 18.19 20.16 -3.57
CA TYR A 179 19.32 19.32 -3.94
C TYR A 179 19.14 18.53 -5.23
N ARG A 180 17.92 18.36 -5.72
CA ARG A 180 17.74 17.69 -7.01
C ARG A 180 17.38 18.67 -8.11
N LEU A 181 16.43 19.56 -7.87
CA LEU A 181 16.00 20.51 -8.89
C LEU A 181 16.75 21.84 -8.82
N GLY A 182 17.44 22.11 -7.72
CA GLY A 182 18.16 23.36 -7.57
C GLY A 182 17.31 24.59 -7.56
N LEU A 183 16.02 24.47 -7.20
CA LEU A 183 15.08 25.59 -7.18
C LEU A 183 14.92 26.25 -5.82
N HIS A 184 15.39 25.61 -4.76
CA HIS A 184 15.47 26.12 -3.40
C HIS A 184 16.93 26.11 -2.99
N PRO A 185 17.30 26.85 -1.94
CA PRO A 185 18.68 26.77 -1.43
C PRO A 185 18.99 25.36 -0.96
N PRO A 186 20.21 24.85 -1.22
CA PRO A 186 21.38 25.59 -1.75
C PRO A 186 21.53 25.61 -3.28
N GLY A 187 20.48 25.30 -4.02
CA GLY A 187 20.56 25.36 -5.47
C GLY A 187 21.28 24.20 -6.13
N VAL A 188 21.31 23.05 -5.48
CA VAL A 188 22.13 21.92 -5.94
C VAL A 188 21.27 21.03 -6.84
N LYS A 189 21.90 20.39 -7.85
CA LYS A 189 21.25 19.45 -8.75
CA LYS A 189 21.25 19.45 -8.75
C LYS A 189 22.10 18.17 -8.76
N ASP A 190 21.87 17.31 -7.78
CA ASP A 190 22.75 16.16 -7.56
C ASP A 190 21.97 15.14 -6.73
N MET A 191 21.55 14.04 -7.35
CA MET A 191 20.69 13.10 -6.65
CA MET A 191 20.68 13.09 -6.65
C MET A 191 21.39 12.42 -5.49
N LYS A 192 22.69 12.15 -5.60
CA LYS A 192 23.42 11.55 -4.49
CA LYS A 192 23.40 11.53 -4.48
C LYS A 192 23.39 12.46 -3.26
N ARG A 193 23.74 13.74 -3.46
CA ARG A 193 23.68 14.68 -2.35
C ARG A 193 22.27 14.81 -1.81
N MET A 194 21.26 14.78 -2.70
CA MET A 194 19.87 14.89 -2.26
C MET A 194 19.51 13.78 -1.29
N TYR A 195 19.87 12.53 -1.61
CA TYR A 195 19.48 11.44 -0.72
C TYR A 195 20.32 11.43 0.56
N GLU A 196 21.54 11.98 0.51
CA GLU A 196 22.34 12.10 1.73
C GLU A 196 21.73 13.13 2.67
N ALA A 197 21.43 14.33 2.16
CA ALA A 197 20.80 15.35 3.00
C ALA A 197 19.47 14.84 3.51
N ASN A 198 18.75 14.10 2.67
CA ASN A 198 17.45 13.58 3.08
C ASN A 198 17.58 12.63 4.25
N HIS A 199 18.58 11.75 4.22
CA HIS A 199 18.80 10.81 5.32
C HIS A 199 19.11 11.55 6.61
N ILE A 200 19.94 12.59 6.52
CA ILE A 200 20.27 13.38 7.71
C ILE A 200 19.03 14.09 8.24
N ALA A 201 18.19 14.63 7.35
CA ALA A 201 16.92 15.22 7.78
C ALA A 201 16.04 14.19 8.48
N ASN A 202 16.07 12.93 8.00
CA ASN A 202 15.30 11.89 8.67
C ASN A 202 15.80 11.67 10.09
N LEU A 203 17.11 11.65 10.27
CA LEU A 203 17.67 11.45 11.61
C LEU A 203 17.35 12.64 12.50
N ALA A 204 17.38 13.85 11.94
CA ALA A 204 17.05 15.04 12.72
C ALA A 204 15.61 15.02 13.19
N ASN A 205 14.69 14.58 12.31
CA ASN A 205 13.30 14.44 12.69
C ASN A 205 13.15 13.45 13.83
N ALA A 206 13.81 12.29 13.71
CA ALA A 206 13.73 11.28 14.74
C ALA A 206 14.27 11.78 16.07
N LYS A 207 15.42 12.48 16.03
CA LYS A 207 16.05 12.97 17.24
C LYS A 207 15.14 13.94 17.99
N VAL A 208 14.49 14.85 17.27
CA VAL A 208 13.67 15.84 17.97
CA VAL A 208 13.65 15.85 17.91
C VAL A 208 12.37 15.22 18.46
N ILE A 209 11.85 14.20 17.79
CA ILE A 209 10.68 13.51 18.33
C ILE A 209 11.04 12.80 19.63
N GLN A 210 12.21 12.15 19.64
CA GLN A 210 12.72 11.55 20.88
CA GLN A 210 12.72 11.55 20.88
C GLN A 210 12.84 12.60 21.99
N SER A 211 13.43 13.75 21.69
CA SER A 211 13.53 14.82 22.69
C SER A 211 12.15 15.25 23.15
N PHE A 212 11.19 15.33 22.22
CA PHE A 212 9.85 15.80 22.54
C PHE A 212 9.20 14.91 23.58
N ARG A 213 9.43 13.59 23.49
CA ARG A 213 8.82 12.67 24.45
C ARG A 213 9.26 12.97 25.87
N HIS A 214 10.47 13.54 26.03
CA HIS A 214 10.96 13.92 27.34
C HIS A 214 10.47 15.30 27.76
N TYR A 215 10.57 16.29 26.89
CA TYR A 215 10.28 17.66 27.31
C TYR A 215 8.81 18.05 27.27
N VAL A 216 8.02 17.37 26.45
CA VAL A 216 6.60 17.69 26.29
C VAL A 216 5.84 16.36 26.31
N PRO A 217 5.87 15.63 27.43
CA PRO A 217 5.30 14.28 27.44
C PRO A 217 3.83 14.22 27.09
N ASP A 218 3.08 15.30 27.27
CA ASP A 218 1.66 15.30 27.00
C ASP A 218 1.32 15.93 25.65
N GLY A 219 2.34 16.25 24.84
CA GLY A 219 2.08 16.84 23.54
C GLY A 219 1.91 15.81 22.44
N LYS A 220 1.56 16.31 21.26
CA LYS A 220 1.44 15.49 20.06
C LYS A 220 2.31 16.11 18.98
N ILE A 221 3.05 15.26 18.28
CA ILE A 221 4.06 15.73 17.34
C ILE A 221 4.09 14.82 16.12
N GLY A 222 4.41 15.39 14.98
CA GLY A 222 4.58 14.63 13.77
C GLY A 222 5.27 15.48 12.73
N PRO A 223 5.85 14.83 11.73
CA PRO A 223 6.29 15.56 10.55
C PRO A 223 5.10 15.86 9.66
N SER A 224 5.28 16.78 8.73
CA SER A 224 4.26 17.05 7.73
CA SER A 224 4.26 17.10 7.73
C SER A 224 4.82 16.78 6.35
N PHE A 225 4.11 15.94 5.60
CA PHE A 225 4.57 15.46 4.31
C PHE A 225 3.75 16.11 3.20
N ALA A 226 4.43 16.58 2.16
CA ALA A 226 3.77 17.14 0.97
C ALA A 226 3.33 15.99 0.09
N TYR A 227 2.05 15.64 0.18
CA TYR A 227 1.53 14.39 -0.33
C TYR A 227 0.73 14.65 -1.60
N SER A 228 1.27 14.24 -2.74
CA SER A 228 0.51 14.13 -3.97
C SER A 228 0.32 12.65 -4.23
N PRO A 229 -0.82 12.08 -3.89
CA PRO A 229 -1.07 10.66 -4.22
C PRO A 229 -0.96 10.45 -5.72
N MET A 230 -0.31 9.34 -6.10
CA MET A 230 -0.11 9.00 -7.50
C MET A 230 -1.27 8.14 -8.02
N TYR A 231 -1.62 8.35 -9.29
CA TYR A 231 -2.60 7.58 -10.05
C TYR A 231 -1.92 6.95 -11.26
N PRO A 232 -2.25 5.72 -11.65
CA PRO A 232 -1.84 5.26 -12.98
C PRO A 232 -2.74 5.91 -14.03
N TYR A 233 -2.18 6.13 -15.21
CA TYR A 233 -2.97 6.74 -16.28
C TYR A 233 -4.12 5.83 -16.69
N ASP A 234 -3.86 4.54 -16.83
CA ASP A 234 -4.92 3.60 -17.18
C ASP A 234 -4.50 2.21 -16.68
N SER A 235 -5.22 1.19 -17.13
CA SER A 235 -5.00 -0.16 -16.67
C SER A 235 -3.96 -0.91 -17.51
N ARG A 236 -3.25 -0.23 -18.41
CA ARG A 236 -2.13 -0.88 -19.07
C ARG A 236 -1.14 -1.32 -18.00
N PRO A 237 -0.71 -2.58 -17.99
CA PRO A 237 0.19 -3.03 -16.91
C PRO A 237 1.43 -2.17 -16.73
N GLU A 238 2.01 -1.66 -17.83
CA GLU A 238 3.20 -0.83 -17.72
C GLU A 238 2.93 0.49 -17.01
N ASN A 239 1.70 1.01 -17.14
CA ASN A 239 1.34 2.25 -16.45
C ASN A 239 1.00 1.99 -14.98
N VAL A 240 0.43 0.83 -14.67
CA VAL A 240 0.23 0.49 -13.27
C VAL A 240 1.58 0.29 -12.59
N LEU A 241 2.53 -0.34 -13.28
CA LEU A 241 3.86 -0.50 -12.70
C LEU A 241 4.51 0.86 -12.49
N ALA A 242 4.31 1.80 -13.42
CA ALA A 242 4.83 3.16 -13.25
C ALA A 242 4.23 3.81 -12.01
N PHE A 243 2.92 3.60 -11.78
CA PHE A 243 2.27 4.08 -10.56
C PHE A 243 2.89 3.44 -9.32
N GLU A 244 3.15 2.13 -9.35
CA GLU A 244 3.80 1.50 -8.21
C GLU A 244 5.12 2.19 -7.91
N ASN A 245 5.91 2.46 -8.94
CA ASN A 245 7.21 3.09 -8.75
C ASN A 245 7.05 4.52 -8.25
N ALA A 246 6.15 5.28 -8.88
CA ALA A 246 5.94 6.68 -8.48
C ALA A 246 5.48 6.78 -7.04
N GLU A 247 4.50 5.96 -6.66
CA GLU A 247 4.02 6.04 -5.28
C GLU A 247 5.14 5.66 -4.31
N GLU A 248 5.94 4.65 -4.64
CA GLU A 248 7.01 4.27 -3.73
C GLU A 248 8.11 5.33 -3.68
N PHE A 249 8.56 5.83 -4.83
CA PHE A 249 9.70 6.75 -4.86
C PHE A 249 9.33 8.12 -4.34
N GLN A 250 8.10 8.56 -4.61
CA GLN A 250 7.70 9.92 -4.26
C GLN A 250 7.06 10.00 -2.89
N ASN A 251 6.40 8.93 -2.44
CA ASN A 251 5.58 9.00 -1.24
C ASN A 251 6.03 8.04 -0.15
N HIS A 252 6.08 6.72 -0.42
CA HIS A 252 6.54 5.81 0.63
C HIS A 252 7.97 6.12 1.07
N TRP A 253 8.80 6.61 0.14
CA TRP A 253 10.19 6.91 0.47
C TRP A 253 10.30 7.78 1.72
N TRP A 254 9.37 8.72 1.89
CA TRP A 254 9.33 9.56 3.08
C TRP A 254 8.42 8.98 4.16
N MET A 255 7.19 8.61 3.80
CA MET A 255 6.23 8.28 4.85
C MET A 255 6.54 6.93 5.52
N ASP A 256 7.10 5.96 4.77
CA ASP A 256 7.57 4.74 5.42
C ASP A 256 8.63 5.05 6.47
N VAL A 257 9.51 6.02 6.22
CA VAL A 257 10.52 6.32 7.22
C VAL A 257 9.86 6.98 8.43
N TYR A 258 8.92 7.89 8.19
CA TYR A 258 8.26 8.56 9.30
C TYR A 258 7.49 7.58 10.16
N ALA A 259 6.82 6.62 9.54
CA ALA A 259 5.90 5.72 10.24
C ALA A 259 6.60 4.47 10.76
N TRP A 260 7.55 3.94 9.99
CA TRP A 260 8.18 2.66 10.28
C TRP A 260 9.68 2.72 10.51
N GLY A 261 10.33 3.84 10.19
CA GLY A 261 11.75 3.91 10.31
C GLY A 261 12.52 3.14 9.26
N MET A 262 11.89 2.79 8.14
CA MET A 262 12.56 1.98 7.12
C MET A 262 12.26 2.56 5.73
N TYR A 263 13.26 2.56 4.87
CA TYR A 263 13.04 2.92 3.48
C TYR A 263 12.40 1.74 2.73
N PRO A 264 11.61 2.02 1.69
CA PRO A 264 11.07 0.89 0.90
C PRO A 264 12.15 0.22 0.07
N GLN A 265 12.04 -1.11 -0.07
CA GLN A 265 13.17 -1.89 -0.55
C GLN A 265 13.41 -1.72 -2.05
N ALA A 266 12.35 -1.67 -2.86
CA ALA A 266 12.56 -1.57 -4.30
C ALA A 266 13.21 -0.25 -4.66
N ALA A 267 12.75 0.84 -4.05
CA ALA A 267 13.41 2.12 -4.30
C ALA A 267 14.84 2.11 -3.79
N TRP A 268 15.07 1.54 -2.61
CA TRP A 268 16.43 1.46 -2.09
C TRP A 268 17.34 0.70 -3.06
N ASN A 269 16.87 -0.43 -3.59
CA ASN A 269 17.69 -1.22 -4.51
C ASN A 269 18.00 -0.47 -5.78
N TYR A 270 17.02 0.25 -6.33
CA TYR A 270 17.28 1.04 -7.52
C TYR A 270 18.33 2.09 -7.25
N LEU A 271 18.20 2.82 -6.15
CA LEU A 271 19.20 3.84 -5.83
C LEU A 271 20.57 3.20 -5.60
N GLU A 272 20.60 2.09 -4.86
CA GLU A 272 21.84 1.33 -4.70
C GLU A 272 22.46 0.99 -6.06
N SER A 273 21.62 0.59 -7.02
CA SER A 273 22.11 0.20 -8.35
C SER A 273 22.75 1.37 -9.11
N GLN A 274 22.42 2.61 -8.75
CA GLN A 274 23.01 3.79 -9.38
C GLN A 274 24.00 4.48 -8.46
N GLY A 275 24.38 3.85 -7.35
CA GLY A 275 25.29 4.47 -6.41
C GLY A 275 24.73 5.71 -5.74
N LEU A 276 23.41 5.77 -5.53
CA LEU A 276 22.77 6.97 -4.99
C LEU A 276 22.19 6.77 -3.60
N GLU A 277 22.28 5.58 -3.01
CA GLU A 277 21.68 5.36 -1.71
C GLU A 277 22.49 6.08 -0.63
N PRO A 278 21.83 6.57 0.42
CA PRO A 278 22.53 7.35 1.45
C PRO A 278 23.48 6.49 2.27
N THR A 279 24.42 7.19 2.90
CA THR A 279 25.36 6.56 3.83
C THR A 279 24.64 6.32 5.15
N VAL A 280 24.77 5.10 5.68
CA VAL A 280 24.10 4.71 6.91
C VAL A 280 25.16 4.46 7.97
N ALA A 281 24.96 5.03 9.13
CA ALA A 281 25.89 4.90 10.23
C ALA A 281 25.33 3.92 11.26
N PRO A 282 26.20 3.30 12.06
CA PRO A 282 25.69 2.48 13.17
C PRO A 282 24.74 3.28 14.04
N GLY A 283 23.58 2.69 14.31
CA GLY A 283 22.57 3.32 15.14
C GLY A 283 21.49 4.06 14.38
N ASP A 284 21.66 4.30 13.08
CA ASP A 284 20.68 5.05 12.32
C ASP A 284 19.32 4.36 12.34
N TRP A 285 19.28 3.06 12.03
CA TRP A 285 17.99 2.38 11.94
C TRP A 285 17.28 2.35 13.28
N GLU A 286 18.03 2.19 14.37
CA GLU A 286 17.41 2.16 15.69
C GLU A 286 16.80 3.50 16.05
N LEU A 287 17.49 4.60 15.71
CA LEU A 287 16.92 5.92 15.94
C LEU A 287 15.68 6.13 15.10
N LEU A 288 15.76 5.83 13.80
CA LEU A 288 14.61 6.06 12.93
C LEU A 288 13.41 5.21 13.34
N GLN A 289 13.66 3.98 13.79
CA GLN A 289 12.55 3.11 14.15
C GLN A 289 11.94 3.48 15.50
N ALA A 290 12.66 4.18 16.35
CA ALA A 290 12.20 4.50 17.69
C ALA A 290 11.32 5.76 17.75
N ALA A 291 11.30 6.57 16.69
CA ALA A 291 10.68 7.90 16.78
C ALA A 291 9.30 7.90 16.12
N LYS A 292 8.40 7.13 16.73
CA LYS A 292 7.03 7.05 16.24
CA LYS A 292 7.02 7.06 16.24
C LYS A 292 6.30 8.39 16.46
N PRO A 293 5.67 8.94 15.43
CA PRO A 293 4.93 10.20 15.60
C PRO A 293 3.52 9.94 16.09
N ASP A 294 2.91 11.00 16.65
CA ASP A 294 1.51 10.89 17.07
C ASP A 294 0.55 10.94 15.89
N PHE A 295 0.94 11.59 14.80
CA PHE A 295 0.09 11.72 13.64
C PHE A 295 0.98 11.87 12.42
N MET A 296 0.42 11.64 11.24
CA MET A 296 1.07 12.05 10.00
C MET A 296 0.51 13.41 9.61
N GLY A 297 1.38 14.42 9.52
CA GLY A 297 0.94 15.67 8.95
C GLY A 297 0.88 15.54 7.45
N VAL A 298 -0.18 16.09 6.86
CA VAL A 298 -0.41 15.99 5.42
C VAL A 298 -0.66 17.36 4.83
N ASN A 299 0.25 17.78 3.96
CA ASN A 299 -0.02 18.97 3.10
CA ASN A 299 0.03 18.97 3.09
C ASN A 299 -0.49 18.48 1.69
N TYR A 300 -1.78 18.69 1.42
CA TYR A 300 -2.39 18.15 0.22
C TYR A 300 -2.88 19.28 -0.67
N TYR A 301 -2.53 19.23 -1.95
CA TYR A 301 -3.09 20.16 -2.93
C TYR A 301 -3.62 19.47 -4.18
N GLN A 302 -3.01 18.34 -4.58
CA GLN A 302 -3.32 17.74 -5.87
C GLN A 302 -2.79 16.32 -5.94
N THR A 303 -3.44 15.51 -6.75
CA THR A 303 -2.90 14.23 -7.16
C THR A 303 -2.02 14.38 -8.40
N THR A 304 -1.32 13.30 -8.71
CA THR A 304 -0.42 13.26 -9.86
C THR A 304 -0.70 11.96 -10.59
N THR A 305 -0.89 12.05 -11.90
CA THR A 305 -1.11 10.86 -12.72
C THR A 305 0.17 10.55 -13.49
N VAL A 306 0.51 9.26 -13.59
CA VAL A 306 1.79 8.88 -14.18
C VAL A 306 1.59 7.76 -15.21
N GLU A 307 2.58 7.67 -16.10
CA GLU A 307 2.59 6.62 -17.11
C GLU A 307 4.01 6.10 -17.29
N HIS A 308 4.12 5.06 -18.09
CA HIS A 308 5.41 4.43 -18.36
C HIS A 308 6.39 5.44 -18.94
N ASN A 309 7.65 5.33 -18.51
CA ASN A 309 8.71 6.23 -18.97
C ASN A 309 9.93 5.39 -19.32
N PRO A 310 10.30 5.29 -20.59
CA PRO A 310 11.41 4.39 -21.00
C PRO A 310 12.73 4.84 -20.43
N PRO A 311 13.78 4.02 -20.52
CA PRO A 311 15.08 4.43 -19.96
C PRO A 311 15.66 5.68 -20.61
N ASP A 312 15.32 5.94 -21.87
CA ASP A 312 15.77 7.11 -22.58
C ASP A 312 14.78 8.28 -22.49
N GLY A 313 13.89 8.26 -21.52
CA GLY A 313 12.69 9.07 -21.55
C GLY A 313 12.78 10.40 -20.83
N VAL A 314 11.63 10.83 -20.32
CA VAL A 314 11.47 12.18 -19.79
C VAL A 314 12.20 12.31 -18.46
N GLY A 315 12.90 13.42 -18.28
CA GLY A 315 13.52 13.73 -17.02
C GLY A 315 12.87 14.93 -16.36
N GLU A 316 13.51 16.08 -16.37
CA GLU A 316 12.90 17.25 -15.77
C GLU A 316 12.13 18.05 -16.80
N GLY A 317 10.96 18.55 -16.37
CA GLY A 317 10.06 19.26 -17.25
C GLY A 317 9.93 20.73 -16.84
N VAL A 318 9.05 21.42 -17.57
CA VAL A 318 8.82 22.84 -17.33
C VAL A 318 7.87 22.99 -16.14
N MET A 319 8.25 23.85 -15.20
CA MET A 319 7.44 24.13 -14.03
C MET A 319 6.84 25.53 -14.17
N ASN A 320 5.55 25.63 -13.86
CA ASN A 320 4.79 26.86 -14.05
C ASN A 320 4.94 27.71 -12.79
N THR A 321 5.70 28.81 -12.89
CA THR A 321 5.77 29.78 -11.80
C THR A 321 5.20 31.13 -12.22
N THR A 322 4.45 31.19 -13.30
CA THR A 322 3.94 32.45 -13.83
C THR A 322 2.43 32.61 -13.75
N GLY A 323 1.68 31.54 -13.52
CA GLY A 323 0.24 31.63 -13.58
C GLY A 323 -0.34 31.60 -14.97
N LYS A 324 0.49 31.35 -16.00
CA LYS A 324 0.01 31.17 -17.36
C LYS A 324 -0.35 29.71 -17.54
N LYS A 325 -1.64 29.42 -17.61
CA LYS A 325 -2.12 28.06 -17.58
C LYS A 325 -1.64 27.28 -18.80
N GLY A 326 -1.35 26.00 -18.59
CA GLY A 326 -0.93 25.14 -19.68
C GLY A 326 0.54 25.19 -20.03
N THR A 327 1.38 25.77 -19.17
CA THR A 327 2.80 25.87 -19.46
C THR A 327 3.65 24.80 -18.78
N SER A 328 3.08 24.04 -17.84
CA SER A 328 3.82 22.93 -17.26
C SER A 328 3.93 21.78 -18.26
N THR A 329 5.03 21.02 -18.15
CA THR A 329 5.22 19.83 -18.96
C THR A 329 5.65 18.67 -18.08
N SER A 330 5.63 17.47 -18.66
CA SER A 330 5.85 16.24 -17.91
C SER A 330 7.25 16.19 -17.31
N SER A 331 7.32 15.66 -16.09
CA SER A 331 8.58 15.35 -15.44
CA SER A 331 8.58 15.35 -15.44
C SER A 331 8.54 13.88 -15.00
N GLY A 332 9.72 13.30 -14.83
CA GLY A 332 9.74 11.93 -14.38
C GLY A 332 11.14 11.44 -14.13
N ILE A 333 11.24 10.13 -13.91
CA ILE A 333 12.51 9.45 -13.75
C ILE A 333 12.63 8.44 -14.87
N PRO A 334 13.61 8.58 -15.76
CA PRO A 334 13.75 7.62 -16.87
C PRO A 334 13.80 6.19 -16.36
N GLY A 335 13.01 5.33 -17.01
CA GLY A 335 12.92 3.94 -16.64
C GLY A 335 11.86 3.61 -15.60
N LEU A 336 11.35 4.61 -14.89
CA LEU A 336 10.43 4.37 -13.78
C LEU A 336 9.04 4.93 -14.03
N PHE A 337 8.92 6.23 -14.32
CA PHE A 337 7.61 6.84 -14.49
C PHE A 337 7.81 8.26 -15.00
N LYS A 338 6.74 8.81 -15.57
CA LYS A 338 6.69 10.24 -15.88
C LYS A 338 5.28 10.72 -15.65
N THR A 339 5.14 12.00 -15.36
CA THR A 339 3.80 12.51 -15.12
C THR A 339 3.09 12.75 -16.45
N VAL A 340 1.77 12.77 -16.38
CA VAL A 340 0.92 13.05 -17.54
C VAL A 340 -0.33 13.74 -17.02
N ARG A 341 -0.80 14.71 -17.78
CA ARG A 341 -2.08 15.37 -17.39
CA ARG A 341 -2.08 15.37 -17.40
C ARG A 341 -3.28 14.39 -17.23
N ASN A 342 -3.95 14.55 -16.10
CA ASN A 342 -5.11 13.73 -15.80
C ASN A 342 -6.30 14.32 -16.54
N PRO A 343 -6.83 13.63 -17.55
CA PRO A 343 -7.91 14.21 -18.35
C PRO A 343 -9.23 14.31 -17.61
N HIS A 344 -9.33 13.79 -16.38
CA HIS A 344 -10.60 13.71 -15.68
C HIS A 344 -10.72 14.73 -14.55
N VAL A 345 -9.76 15.67 -14.44
CA VAL A 345 -9.83 16.73 -13.44
C VAL A 345 -9.39 18.03 -14.09
N ASP A 346 -9.87 19.13 -13.52
CA ASP A 346 -9.46 20.45 -13.94
C ASP A 346 -8.14 20.82 -13.28
N THR A 347 -7.55 21.94 -13.72
CA THR A 347 -6.31 22.43 -13.16
C THR A 347 -6.46 23.92 -12.87
N THR A 348 -5.61 24.41 -11.97
CA THR A 348 -5.54 25.84 -11.71
C THR A 348 -4.70 26.51 -12.80
N ASN A 349 -4.62 27.84 -12.71
CA ASN A 349 -3.77 28.61 -13.62
C ASN A 349 -2.29 28.30 -13.43
N TRP A 350 -1.91 27.64 -12.35
CA TRP A 350 -0.53 27.19 -12.16
C TRP A 350 -0.39 25.70 -12.48
N ASP A 351 -1.41 25.10 -13.09
CA ASP A 351 -1.40 23.73 -13.59
C ASP A 351 -1.42 22.70 -12.46
N TRP A 352 -1.92 23.09 -11.29
CA TRP A 352 -2.14 22.16 -10.20
C TRP A 352 -3.51 21.53 -10.35
N ALA A 353 -3.58 20.20 -10.26
CA ALA A 353 -4.83 19.50 -10.44
C ALA A 353 -5.79 19.80 -9.29
N ILE A 354 -7.06 19.92 -9.62
CA ILE A 354 -8.11 20.11 -8.62
C ILE A 354 -8.79 18.76 -8.47
N ASP A 355 -8.50 18.07 -7.37
CA ASP A 355 -8.92 16.68 -7.18
C ASP A 355 -9.29 16.44 -5.72
N PRO A 356 -10.48 16.89 -5.30
CA PRO A 356 -10.89 16.68 -3.91
C PRO A 356 -11.04 15.21 -3.55
N VAL A 357 -11.52 14.38 -4.48
CA VAL A 357 -11.58 12.94 -4.19
C VAL A 357 -10.18 12.42 -3.91
N GLY A 358 -9.17 12.99 -4.57
CA GLY A 358 -7.80 12.58 -4.30
C GLY A 358 -7.40 12.77 -2.86
N LEU A 359 -7.99 13.77 -2.17
CA LEU A 359 -7.73 13.90 -0.74
C LEU A 359 -8.31 12.73 0.05
N ARG A 360 -9.55 12.35 -0.25
CA ARG A 360 -10.10 11.14 0.37
C ARG A 360 -9.21 9.94 0.11
N ILE A 361 -8.74 9.79 -1.14
CA ILE A 361 -7.87 8.67 -1.48
C ILE A 361 -6.57 8.72 -0.67
N GLY A 362 -5.91 9.88 -0.64
CA GLY A 362 -4.69 9.99 0.12
C GLY A 362 -4.87 9.71 1.60
N LEU A 363 -5.94 10.24 2.21
CA LEU A 363 -6.21 9.94 3.60
C LEU A 363 -6.42 8.44 3.81
N ARG A 364 -7.18 7.82 2.90
CA ARG A 364 -7.43 6.39 2.98
C ARG A 364 -6.13 5.61 2.86
N ARG A 365 -5.22 6.05 1.99
CA ARG A 365 -3.96 5.33 1.81
C ARG A 365 -3.13 5.38 3.08
N ILE A 366 -3.01 6.55 3.71
CA ILE A 366 -2.21 6.66 4.93
C ILE A 366 -2.79 5.81 6.06
N ALA A 367 -4.11 5.86 6.25
CA ALA A 367 -4.72 5.02 7.27
C ALA A 367 -4.54 3.54 6.95
N ASN A 368 -4.75 3.15 5.70
CA ASN A 368 -4.63 1.75 5.28
C ASN A 368 -3.20 1.21 5.45
N ARG A 369 -2.20 2.04 5.18
CA ARG A 369 -0.81 1.59 5.24
C ARG A 369 -0.20 1.71 6.63
N TYR A 370 -0.47 2.83 7.34
CA TYR A 370 0.24 3.15 8.58
C TYR A 370 -0.63 3.16 9.84
N GLN A 371 -1.97 3.16 9.70
CA GLN A 371 -2.90 3.22 10.82
C GLN A 371 -2.62 4.42 11.74
N LEU A 372 -2.22 5.54 11.13
CA LEU A 372 -1.89 6.74 11.87
C LEU A 372 -3.02 7.76 11.79
N PRO A 373 -3.32 8.48 12.88
CA PRO A 373 -4.15 9.68 12.74
C PRO A 373 -3.45 10.68 11.83
N ILE A 374 -4.25 11.53 11.19
CA ILE A 374 -3.74 12.51 10.24
C ILE A 374 -4.14 13.90 10.70
N LEU A 375 -3.20 14.85 10.65
CA LEU A 375 -3.51 16.26 10.77
C LEU A 375 -3.27 16.87 9.40
N ILE A 376 -4.32 17.42 8.79
CA ILE A 376 -4.13 18.06 7.50
C ILE A 376 -3.57 19.45 7.81
N THR A 377 -2.29 19.62 7.52
CA THR A 377 -1.57 20.84 7.92
C THR A 377 -1.60 21.92 6.86
N GLU A 378 -1.94 21.57 5.61
CA GLU A 378 -2.12 22.54 4.53
C GLU A 378 -3.07 21.96 3.49
N ASN A 379 -3.98 22.81 3.02
CA ASN A 379 -4.78 22.58 1.83
C ASN A 379 -5.39 23.92 1.42
N GLY A 380 -5.38 24.22 0.13
CA GLY A 380 -5.87 25.52 -0.30
C GLY A 380 -5.80 25.66 -1.79
N LEU A 381 -6.43 26.74 -2.28
CA LEU A 381 -6.42 27.09 -3.70
C LEU A 381 -5.63 28.38 -3.89
N GLY A 382 -4.54 28.28 -4.65
CA GLY A 382 -3.74 29.45 -5.01
C GLY A 382 -4.18 29.95 -6.37
N GLU A 383 -4.70 31.19 -6.39
CA GLU A 383 -5.31 31.74 -7.59
C GLU A 383 -5.22 33.25 -7.55
N PHE A 384 -5.37 33.85 -8.73
CA PHE A 384 -5.50 35.31 -8.80
C PHE A 384 -6.79 35.75 -8.12
N ASP A 385 -6.71 36.82 -7.34
CA ASP A 385 -7.90 37.50 -6.80
C ASP A 385 -7.97 38.93 -7.33
N THR A 386 -9.19 39.44 -7.47
CA THR A 386 -9.43 40.84 -7.82
C THR A 386 -10.06 41.55 -6.64
N LEU A 387 -9.52 42.71 -6.29
CA LEU A 387 -10.13 43.56 -5.27
C LEU A 387 -11.18 44.42 -5.96
N GLU A 388 -12.41 44.21 -5.62
CA GLU A 388 -13.43 45.01 -6.27
C GLU A 388 -13.75 46.24 -5.42
N PRO A 389 -14.19 47.34 -6.07
CA PRO A 389 -14.52 48.57 -5.34
C PRO A 389 -15.33 48.32 -4.08
N GLY A 390 -14.96 49.01 -2.99
CA GLY A 390 -15.56 48.77 -1.70
C GLY A 390 -14.87 47.73 -0.85
N ASP A 391 -13.67 47.32 -1.21
CA ASP A 391 -12.92 46.27 -0.51
C ASP A 391 -13.76 44.98 -0.44
N ILE A 392 -14.16 44.49 -1.63
CA ILE A 392 -14.83 43.19 -1.78
C ILE A 392 -13.95 42.28 -2.63
N VAL A 393 -13.82 41.01 -2.20
CA VAL A 393 -13.08 39.99 -2.93
C VAL A 393 -13.97 38.76 -3.02
N ASN A 394 -14.52 38.51 -4.20
CA ASN A 394 -15.48 37.41 -4.35
C ASN A 394 -14.72 36.21 -4.90
N ASP A 395 -14.18 35.41 -3.99
CA ASP A 395 -13.38 34.25 -4.38
C ASP A 395 -14.21 32.97 -4.30
N ASP A 396 -15.31 32.94 -5.06
CA ASP A 396 -16.15 31.74 -5.10
C ASP A 396 -15.37 30.51 -5.54
N TYR A 397 -14.34 30.70 -6.39
CA TYR A 397 -13.51 29.58 -6.83
C TYR A 397 -12.77 28.96 -5.65
N ARG A 398 -12.33 29.80 -4.70
CA ARG A 398 -11.64 29.28 -3.52
C ARG A 398 -12.63 28.57 -2.59
N ILE A 399 -13.80 29.16 -2.41
CA ILE A 399 -14.84 28.50 -1.63
C ILE A 399 -15.17 27.13 -2.21
N ASP A 400 -15.34 27.06 -3.54
CA ASP A 400 -15.68 25.79 -4.18
C ASP A 400 -14.61 24.75 -3.92
N TYR A 401 -13.33 25.14 -4.08
CA TYR A 401 -12.24 24.21 -3.82
C TYR A 401 -12.26 23.72 -2.38
N LEU A 402 -12.32 24.65 -1.42
CA LEU A 402 -12.28 24.26 -0.02
C LEU A 402 -13.49 23.42 0.36
N ARG A 403 -14.68 23.82 -0.10
CA ARG A 403 -15.89 23.08 0.21
C ARG A 403 -15.78 21.63 -0.23
N ARG A 404 -15.31 21.42 -1.47
CA ARG A 404 -15.24 20.06 -1.98
C ARG A 404 -14.19 19.24 -1.24
N HIS A 405 -13.08 19.87 -0.82
CA HIS A 405 -12.10 19.10 -0.07
C HIS A 405 -12.61 18.77 1.33
N VAL A 406 -13.26 19.71 1.99
CA VAL A 406 -13.77 19.43 3.33
C VAL A 406 -14.84 18.36 3.27
N GLN A 407 -15.67 18.37 2.22
CA GLN A 407 -16.66 17.32 2.04
C GLN A 407 -15.99 15.95 1.95
N GLU A 408 -14.86 15.86 1.24
CA GLU A 408 -14.19 14.57 1.09
C GLU A 408 -13.49 14.17 2.38
N ILE A 409 -13.07 15.13 3.21
CA ILE A 409 -12.54 14.78 4.52
C ILE A 409 -13.62 14.10 5.35
N GLN A 410 -14.84 14.63 5.30
CA GLN A 410 -15.94 14.00 6.03
C GLN A 410 -16.21 12.59 5.53
N ARG A 411 -16.13 12.36 4.21
CA ARG A 411 -16.27 10.98 3.73
C ARG A 411 -15.16 10.10 4.26
N ALA A 412 -13.92 10.61 4.27
CA ALA A 412 -12.81 9.84 4.82
C ALA A 412 -13.00 9.52 6.29
N ILE A 413 -13.54 10.46 7.07
CA ILE A 413 -13.82 10.19 8.48
C ILE A 413 -14.90 9.11 8.59
N THR A 414 -15.90 9.17 7.72
CA THR A 414 -16.93 8.14 7.72
C THR A 414 -16.35 6.78 7.38
N ASP A 415 -15.32 6.75 6.52
CA ASP A 415 -14.62 5.51 6.19
C ASP A 415 -13.80 4.98 7.36
N GLY A 416 -13.56 5.79 8.38
CA GLY A 416 -12.75 5.37 9.50
C GLY A 416 -11.38 5.99 9.61
N VAL A 417 -11.03 6.96 8.77
CA VAL A 417 -9.78 7.67 8.93
C VAL A 417 -9.92 8.62 10.12
N ASP A 418 -8.93 8.59 11.01
CA ASP A 418 -8.86 9.48 12.16
C ASP A 418 -8.21 10.78 11.72
N VAL A 419 -9.02 11.79 11.39
CA VAL A 419 -8.50 13.10 10.99
C VAL A 419 -8.63 14.04 12.18
N LEU A 420 -7.50 14.56 12.65
CA LEU A 420 -7.47 15.39 13.85
C LEU A 420 -7.88 16.83 13.57
N GLY A 421 -7.67 17.31 12.36
CA GLY A 421 -7.93 18.71 12.07
C GLY A 421 -7.59 19.03 10.63
N TYR A 422 -7.84 20.28 10.28
CA TYR A 422 -7.73 20.73 8.90
C TYR A 422 -7.28 22.18 8.93
N CYS A 423 -6.07 22.44 8.44
CA CYS A 423 -5.52 23.79 8.39
C CYS A 423 -5.48 24.24 6.94
N ALA A 424 -6.32 25.20 6.61
CA ALA A 424 -6.31 25.72 5.25
C ALA A 424 -5.10 26.59 5.05
N TRP A 425 -4.46 26.44 3.89
CA TRP A 425 -3.43 27.38 3.42
C TRP A 425 -4.11 28.44 2.56
N SER A 426 -4.08 29.71 2.97
CA SER A 426 -3.37 30.27 4.13
C SER A 426 -4.32 31.23 4.83
N PHE A 427 -3.99 31.67 6.05
CA PHE A 427 -4.94 32.54 6.74
C PHE A 427 -5.05 33.91 6.07
N THR A 428 -3.95 34.65 6.00
CA THR A 428 -3.86 35.82 5.14
C THR A 428 -3.12 35.43 3.86
N ASP A 429 -3.29 36.24 2.83
CA ASP A 429 -2.38 36.16 1.70
C ASP A 429 -0.93 36.28 2.20
N LEU A 430 -0.02 35.61 1.49
CA LEU A 430 1.39 35.66 1.87
C LEU A 430 2.24 35.41 0.62
N LEU A 431 3.56 35.52 0.79
CA LEU A 431 4.47 35.28 -0.32
C LEU A 431 4.47 33.80 -0.68
N SER A 432 4.28 33.50 -1.96
CA SER A 432 4.65 32.19 -2.49
C SER A 432 6.14 32.22 -2.81
N ALA A 433 6.90 31.28 -2.24
CA ALA A 433 8.36 31.33 -2.34
C ALA A 433 8.83 31.50 -3.78
N LEU A 434 8.23 30.75 -4.71
CA LEU A 434 8.64 30.80 -6.11
C LEU A 434 7.62 31.45 -7.04
N ASN A 435 6.42 31.80 -6.57
CA ASN A 435 5.36 32.33 -7.43
C ASN A 435 4.96 33.75 -7.12
N GLY A 436 5.61 34.40 -6.16
CA GLY A 436 5.31 35.79 -5.85
C GLY A 436 4.06 35.93 -4.99
N TYR A 437 3.47 37.13 -5.06
CA TYR A 437 2.30 37.48 -4.24
C TYR A 437 0.97 37.29 -4.96
N GLN A 438 0.97 37.22 -6.30
CA GLN A 438 -0.30 37.14 -7.02
C GLN A 438 -0.94 35.76 -6.93
N LYS A 439 -0.15 34.74 -6.60
CA LYS A 439 -0.70 33.41 -6.36
C LYS A 439 -1.17 33.36 -4.90
N ARG A 440 -2.39 33.85 -4.70
CA ARG A 440 -2.95 34.08 -3.36
C ARG A 440 -3.69 32.86 -2.85
N TYR A 441 -3.55 32.60 -1.54
CA TYR A 441 -4.30 31.53 -0.88
C TYR A 441 -5.16 32.01 0.29
N GLY A 442 -5.17 33.30 0.63
CA GLY A 442 -5.68 33.71 1.92
C GLY A 442 -7.21 33.69 2.01
N PHE A 443 -7.69 33.50 3.24
CA PHE A 443 -9.03 33.97 3.59
C PHE A 443 -9.08 35.48 3.66
N VAL A 444 -7.96 36.09 4.01
CA VAL A 444 -7.84 37.54 4.18
C VAL A 444 -6.94 38.04 3.07
N TYR A 445 -7.48 38.87 2.20
CA TYR A 445 -6.69 39.53 1.16
C TYR A 445 -5.73 40.52 1.79
N VAL A 446 -4.50 40.56 1.32
CA VAL A 446 -3.56 41.58 1.75
C VAL A 446 -3.28 42.49 0.56
N ASN A 447 -3.52 43.78 0.75
CA ASN A 447 -3.38 44.78 -0.32
C ASN A 447 -1.90 45.06 -0.58
N ARG A 448 -1.33 44.28 -1.46
CA ARG A 448 0.01 44.47 -2.01
C ARG A 448 0.08 43.61 -3.27
N ASP A 449 1.15 43.78 -4.04
CA ASP A 449 1.35 42.87 -5.17
C ASP A 449 2.85 42.66 -5.37
N ASP A 450 3.25 42.24 -6.57
CA ASP A 450 4.67 41.95 -6.77
C ASP A 450 5.50 43.19 -6.95
N GLU A 451 4.86 44.32 -7.25
CA GLU A 451 5.54 45.58 -7.50
C GLU A 451 5.54 46.52 -6.30
N SER A 452 4.48 46.51 -5.48
CA SER A 452 4.41 47.48 -4.39
C SER A 452 3.83 46.82 -3.14
N GLU A 453 4.36 47.21 -1.99
CA GLU A 453 3.78 46.81 -0.71
C GLU A 453 2.49 47.55 -0.42
N LYS A 454 2.17 48.60 -1.17
CA LYS A 454 0.96 49.41 -0.98
C LYS A 454 0.86 49.71 0.51
N ASP A 455 -0.29 49.50 1.14
CA ASP A 455 -0.46 49.73 2.58
C ASP A 455 -0.61 48.43 3.37
N LEU A 456 -0.49 47.28 2.72
CA LEU A 456 -0.62 45.97 3.36
C LEU A 456 -1.93 45.82 4.12
N ARG A 457 -3.00 46.51 3.71
CA ARG A 457 -4.23 46.41 4.50
C ARG A 457 -4.90 45.05 4.31
N ARG A 458 -5.56 44.61 5.36
CA ARG A 458 -6.21 43.30 5.40
C ARG A 458 -7.68 43.48 5.01
N ILE A 459 -8.15 42.63 4.08
CA ILE A 459 -9.51 42.71 3.55
C ILE A 459 -10.10 41.31 3.54
N LYS A 460 -11.16 41.11 4.31
CA LYS A 460 -11.76 39.78 4.40
C LYS A 460 -12.39 39.41 3.05
N LYS A 461 -12.01 38.25 2.52
CA LYS A 461 -12.60 37.73 1.29
C LYS A 461 -13.90 37.00 1.60
N LYS A 462 -14.68 36.75 0.55
CA LYS A 462 -15.91 36.00 0.71
C LYS A 462 -15.66 34.66 1.40
N SER A 463 -14.52 34.02 1.10
CA SER A 463 -14.25 32.72 1.71
C SER A 463 -14.01 32.81 3.20
N PHE A 464 -13.60 33.99 3.70
CA PHE A 464 -13.48 34.20 5.13
C PHE A 464 -14.81 33.90 5.82
N TYR A 465 -15.91 34.48 5.30
CA TYR A 465 -17.20 34.29 5.92
C TYR A 465 -17.72 32.88 5.70
N TRP A 466 -17.39 32.28 4.55
CA TRP A 466 -17.75 30.89 4.33
C TRP A 466 -17.12 29.99 5.40
N TYR A 467 -15.83 30.14 5.63
CA TYR A 467 -15.15 29.26 6.57
C TYR A 467 -15.60 29.55 8.00
N GLN A 468 -15.85 30.82 8.31
CA GLN A 468 -16.46 31.19 9.59
C GLN A 468 -17.71 30.34 9.86
N ARG A 469 -18.58 30.22 8.85
CA ARG A 469 -19.80 29.43 9.01
C ARG A 469 -19.49 27.94 9.12
N VAL A 470 -18.52 27.43 8.33
CA VAL A 470 -18.06 26.05 8.50
C VAL A 470 -17.70 25.78 9.96
N ILE A 471 -16.90 26.67 10.54
CA ILE A 471 -16.43 26.44 11.91
C ILE A 471 -17.59 26.51 12.89
N GLU A 472 -18.46 27.51 12.73
CA GLU A 472 -19.61 27.66 13.62
C GLU A 472 -20.49 26.42 13.63
N THR A 473 -20.63 25.74 12.48
CA THR A 473 -21.48 24.55 12.40
C THR A 473 -20.69 23.26 12.52
N ASN A 474 -19.40 23.35 12.89
CA ASN A 474 -18.50 22.19 12.94
C ASN A 474 -18.61 21.35 11.67
N GLY A 475 -18.67 22.02 10.53
CA GLY A 475 -18.65 21.33 9.26
C GLY A 475 -19.97 20.75 8.81
N ALA A 476 -21.06 21.05 9.51
CA ALA A 476 -22.37 20.55 9.07
C ALA A 476 -22.94 21.39 7.94
N GLU A 477 -22.55 22.65 7.82
CA GLU A 477 -22.95 23.51 6.72
C GLU A 477 -21.71 23.85 5.90
N LEU A 478 -21.56 23.18 4.76
CA LEU A 478 -20.46 23.44 3.84
C LEU A 478 -20.98 24.12 2.58
N HIS B 5 20.99 -4.62 -16.09
CA HIS B 5 21.39 -5.98 -15.76
C HIS B 5 20.35 -6.66 -14.88
N LEU B 6 19.77 -7.76 -15.37
CA LEU B 6 18.89 -8.57 -14.54
C LEU B 6 19.70 -9.46 -13.62
N LYS B 7 19.29 -9.52 -12.36
CA LYS B 7 19.91 -10.44 -11.43
C LYS B 7 19.55 -11.88 -11.82
N PRO B 8 20.42 -12.84 -11.52
CA PRO B 8 20.06 -14.24 -11.75
C PRO B 8 19.11 -14.73 -10.66
N PHE B 9 18.42 -15.82 -10.96
CA PHE B 9 17.71 -16.49 -9.90
C PHE B 9 18.72 -17.00 -8.87
N PRO B 10 18.44 -16.89 -7.58
CA PRO B 10 19.38 -17.39 -6.56
C PRO B 10 19.65 -18.87 -6.76
N PRO B 11 20.81 -19.35 -6.31
CA PRO B 11 21.15 -20.76 -6.55
C PRO B 11 20.17 -21.70 -5.89
N GLU B 12 19.61 -21.31 -4.76
CA GLU B 12 18.67 -22.10 -3.97
C GLU B 12 17.23 -21.98 -4.47
N PHE B 13 17.00 -21.41 -5.65
CA PHE B 13 15.65 -21.13 -6.09
C PHE B 13 14.88 -22.44 -6.32
N LEU B 14 13.68 -22.50 -5.75
CA LEU B 14 12.89 -23.74 -5.80
C LEU B 14 12.04 -23.75 -7.07
N TRP B 15 12.56 -24.38 -8.12
CA TRP B 15 11.78 -24.59 -9.34
C TRP B 15 10.83 -25.73 -9.07
N GLY B 16 9.52 -25.45 -9.01
CA GLY B 16 8.55 -26.42 -8.57
C GLY B 16 7.39 -26.59 -9.54
N ALA B 17 6.53 -27.55 -9.18
CA ALA B 17 5.23 -27.75 -9.80
C ALA B 17 4.31 -28.24 -8.69
N ALA B 18 3.00 -28.15 -8.91
CA ALA B 18 2.06 -28.32 -7.81
C ALA B 18 0.83 -29.11 -8.24
N SER B 19 0.13 -29.62 -7.22
CA SER B 19 -1.15 -30.31 -7.37
C SER B 19 -1.97 -30.09 -6.11
N ALA B 20 -3.16 -30.72 -6.07
CA ALA B 20 -4.02 -30.69 -4.89
C ALA B 20 -4.66 -32.07 -4.79
N ALA B 21 -4.91 -32.50 -3.56
CA ALA B 21 -5.26 -33.91 -3.30
C ALA B 21 -6.54 -34.31 -4.02
N TYR B 22 -7.64 -33.56 -3.83
CA TYR B 22 -8.91 -33.97 -4.42
C TYR B 22 -8.85 -33.92 -5.94
N GLN B 23 -8.04 -33.01 -6.51
CA GLN B 23 -7.97 -32.88 -7.95
C GLN B 23 -7.07 -33.91 -8.61
N VAL B 24 -6.23 -34.61 -7.85
CA VAL B 24 -5.21 -35.44 -8.48
C VAL B 24 -5.26 -36.92 -8.05
N GLU B 25 -5.70 -37.21 -6.82
CA GLU B 25 -5.37 -38.51 -6.19
C GLU B 25 -6.29 -39.64 -6.62
N GLY B 26 -7.60 -39.41 -6.64
CA GLY B 26 -8.50 -40.55 -6.77
C GLY B 26 -8.51 -41.35 -5.49
N ALA B 27 -8.77 -42.66 -5.60
CA ALA B 27 -8.81 -43.53 -4.44
C ALA B 27 -9.67 -42.92 -3.33
N TRP B 28 -10.85 -42.44 -3.73
CA TRP B 28 -11.68 -41.62 -2.84
C TRP B 28 -12.22 -42.40 -1.65
N ASN B 29 -12.30 -43.73 -1.75
CA ASN B 29 -12.85 -44.56 -0.68
C ASN B 29 -11.89 -45.68 -0.26
N GLU B 30 -10.60 -45.55 -0.53
CA GLU B 30 -9.66 -46.63 -0.28
C GLU B 30 -8.88 -46.39 1.00
N ASP B 31 -8.37 -47.49 1.55
CA ASP B 31 -7.45 -47.47 2.69
C ASP B 31 -8.01 -46.66 3.86
N GLY B 32 -9.33 -46.71 4.04
CA GLY B 32 -9.98 -46.11 5.19
C GLY B 32 -10.29 -44.63 5.05
N LYS B 33 -10.06 -44.03 3.88
CA LYS B 33 -10.30 -42.60 3.72
C LYS B 33 -11.78 -42.27 3.89
N GLY B 34 -12.05 -41.21 4.68
CA GLY B 34 -13.41 -40.73 4.86
C GLY B 34 -13.86 -39.80 3.74
N LEU B 35 -15.14 -39.49 3.75
CA LEU B 35 -15.68 -38.56 2.76
C LEU B 35 -15.25 -37.15 3.08
N SER B 36 -14.77 -36.42 2.07
CA SER B 36 -14.57 -34.99 2.24
C SER B 36 -15.83 -34.25 1.81
N VAL B 37 -15.88 -32.95 2.11
CA VAL B 37 -17.01 -32.17 1.63
C VAL B 37 -17.05 -32.15 0.11
N TRP B 38 -15.90 -32.33 -0.55
CA TRP B 38 -15.91 -32.31 -2.00
C TRP B 38 -16.37 -33.63 -2.60
N ASP B 39 -16.06 -34.76 -1.96
CA ASP B 39 -16.68 -36.03 -2.34
C ASP B 39 -18.19 -35.88 -2.40
N VAL B 40 -18.79 -35.34 -1.32
CA VAL B 40 -20.24 -35.24 -1.23
C VAL B 40 -20.78 -34.16 -2.16
N PHE B 41 -20.11 -33.00 -2.20
CA PHE B 41 -20.60 -31.88 -2.99
C PHE B 41 -20.63 -32.20 -4.48
N ALA B 42 -19.54 -32.79 -4.99
CA ALA B 42 -19.41 -32.98 -6.43
C ALA B 42 -20.40 -33.99 -6.98
N LYS B 43 -20.97 -34.85 -6.13
CA LYS B 43 -21.97 -35.83 -6.54
C LYS B 43 -23.36 -35.25 -6.65
N GLN B 44 -23.59 -34.06 -6.11
CA GLN B 44 -24.88 -33.39 -6.25
C GLN B 44 -25.00 -32.86 -7.68
N PRO B 45 -26.11 -33.11 -8.37
CA PRO B 45 -26.24 -32.68 -9.77
C PRO B 45 -26.12 -31.17 -9.93
N GLY B 46 -25.43 -30.77 -11.00
CA GLY B 46 -25.27 -29.38 -11.34
C GLY B 46 -24.17 -28.65 -10.59
N ARG B 47 -23.43 -29.32 -9.71
CA ARG B 47 -22.42 -28.63 -8.91
C ARG B 47 -21.10 -28.51 -9.66
N THR B 48 -20.80 -29.44 -10.56
CA THR B 48 -19.52 -29.46 -11.25
C THR B 48 -19.74 -29.61 -12.75
N PHE B 49 -18.70 -29.30 -13.51
CA PHE B 49 -18.79 -29.33 -14.97
C PHE B 49 -19.02 -30.76 -15.45
N LYS B 50 -20.16 -30.99 -16.10
CA LYS B 50 -20.53 -32.31 -16.63
C LYS B 50 -20.48 -33.39 -15.56
N GLY B 51 -20.72 -33.02 -14.31
CA GLY B 51 -20.70 -33.96 -13.21
C GLY B 51 -19.34 -34.53 -12.88
N THR B 52 -18.26 -33.94 -13.36
CA THR B 52 -16.93 -34.47 -13.12
C THR B 52 -16.60 -34.38 -11.62
N ASN B 53 -15.84 -35.36 -11.14
CA ASN B 53 -15.53 -35.44 -9.72
C ASN B 53 -14.20 -36.14 -9.53
N GLY B 54 -13.80 -36.27 -8.27
CA GLY B 54 -12.48 -36.81 -7.96
C GLY B 54 -12.47 -38.24 -7.47
N ASP B 55 -13.49 -39.02 -7.83
CA ASP B 55 -13.46 -40.45 -7.49
C ASP B 55 -12.15 -41.09 -7.92
N VAL B 56 -11.75 -40.85 -9.18
CA VAL B 56 -10.48 -41.34 -9.68
C VAL B 56 -9.51 -40.20 -9.99
N ALA B 57 -10.01 -39.05 -10.43
CA ALA B 57 -9.17 -37.90 -10.82
C ALA B 57 -8.16 -38.41 -11.86
N VAL B 58 -6.86 -38.21 -11.69
CA VAL B 58 -5.88 -38.81 -12.57
C VAL B 58 -5.15 -39.97 -11.89
N ASP B 59 -5.73 -40.48 -10.79
CA ASP B 59 -5.29 -41.72 -10.15
C ASP B 59 -3.86 -41.62 -9.62
N HIS B 60 -3.45 -40.42 -9.17
CA HIS B 60 -2.10 -40.26 -8.66
C HIS B 60 -1.88 -41.09 -7.38
N TYR B 61 -2.94 -41.41 -6.64
CA TYR B 61 -2.75 -42.24 -5.44
C TYR B 61 -2.10 -43.58 -5.80
N HIS B 62 -2.47 -44.17 -6.93
CA HIS B 62 -1.89 -45.45 -7.34
C HIS B 62 -0.71 -45.29 -8.28
N ARG B 63 -0.56 -44.14 -8.93
CA ARG B 63 0.46 -43.94 -9.95
CA ARG B 63 0.47 -43.95 -9.94
C ARG B 63 1.52 -42.92 -9.53
N TYR B 64 1.66 -42.69 -8.22
CA TYR B 64 2.59 -41.65 -7.77
C TYR B 64 4.03 -41.99 -8.14
N GLN B 65 4.38 -43.27 -8.23
CA GLN B 65 5.75 -43.63 -8.60
C GLN B 65 6.05 -43.20 -10.03
N GLU B 66 5.14 -43.49 -10.97
CA GLU B 66 5.31 -43.04 -12.34
C GLU B 66 5.41 -41.51 -12.40
N ASP B 67 4.54 -40.83 -11.67
CA ASP B 67 4.53 -39.37 -11.71
C ASP B 67 5.80 -38.78 -11.14
N VAL B 68 6.31 -39.35 -10.03
CA VAL B 68 7.56 -38.82 -9.48
C VAL B 68 8.73 -39.12 -10.41
N ALA B 69 8.72 -40.26 -11.11
CA ALA B 69 9.76 -40.53 -12.11
C ALA B 69 9.76 -39.46 -13.21
N LEU B 70 8.57 -39.03 -13.64
CA LEU B 70 8.49 -37.94 -14.59
C LEU B 70 9.02 -36.63 -14.00
N MET B 71 8.73 -36.38 -12.71
CA MET B 71 9.30 -35.20 -12.06
C MET B 71 10.81 -35.26 -12.07
N ALA B 72 11.38 -36.44 -11.79
CA ALA B 72 12.83 -36.57 -11.77
C ALA B 72 13.42 -36.38 -13.17
N GLU B 73 12.74 -36.88 -14.20
CA GLU B 73 13.20 -36.67 -15.56
C GLU B 73 13.20 -35.19 -15.91
N MET B 74 12.15 -34.46 -15.49
CA MET B 74 12.12 -33.02 -15.71
C MET B 74 13.18 -32.29 -14.91
N GLY B 75 13.65 -32.87 -13.81
CA GLY B 75 14.59 -32.18 -12.94
C GLY B 75 13.96 -31.27 -11.92
N LEU B 76 12.67 -31.48 -11.60
CA LEU B 76 12.00 -30.66 -10.59
C LEU B 76 12.80 -30.59 -9.31
N LYS B 77 12.98 -29.37 -8.79
CA LYS B 77 13.61 -29.17 -7.49
C LYS B 77 12.62 -29.23 -6.35
N ALA B 78 11.33 -29.02 -6.62
CA ALA B 78 10.31 -29.02 -5.59
C ALA B 78 8.99 -29.48 -6.18
N TYR B 79 8.21 -30.17 -5.35
CA TYR B 79 6.86 -30.59 -5.72
C TYR B 79 5.94 -30.24 -4.57
N ARG B 80 4.97 -29.37 -4.83
CA ARG B 80 4.01 -28.97 -3.82
C ARG B 80 2.73 -29.76 -4.01
N PHE B 81 2.30 -30.43 -2.95
CA PHE B 81 1.08 -31.22 -2.95
C PHE B 81 0.31 -30.91 -1.68
N SER B 82 -0.97 -31.27 -1.65
CA SER B 82 -1.73 -31.13 -0.44
C SER B 82 -2.04 -32.51 0.14
N VAL B 83 -2.16 -32.56 1.46
CA VAL B 83 -2.54 -33.78 2.18
C VAL B 83 -4.04 -33.79 2.36
N SER B 84 -4.66 -34.93 2.08
CA SER B 84 -6.09 -35.07 2.25
C SER B 84 -6.40 -35.32 3.72
N TRP B 85 -6.99 -34.33 4.39
CA TRP B 85 -7.37 -34.46 5.78
C TRP B 85 -8.17 -35.75 6.02
N SER B 86 -9.12 -36.04 5.14
CA SER B 86 -9.97 -37.21 5.36
CA SER B 86 -9.98 -37.21 5.28
C SER B 86 -9.23 -38.53 5.16
N ARG B 87 -8.02 -38.52 4.59
CA ARG B 87 -7.21 -39.74 4.62
C ARG B 87 -6.56 -39.94 5.97
N VAL B 88 -6.19 -38.85 6.64
CA VAL B 88 -5.45 -38.94 7.90
C VAL B 88 -6.40 -39.05 9.09
N PHE B 89 -7.48 -38.28 9.10
CA PHE B 89 -8.56 -38.41 10.09
C PHE B 89 -9.85 -38.56 9.31
N PRO B 90 -10.29 -39.79 9.05
CA PRO B 90 -11.52 -39.97 8.24
C PRO B 90 -12.71 -39.26 8.82
N ASP B 91 -12.74 -39.08 10.15
CA ASP B 91 -13.78 -38.39 10.90
C ASP B 91 -13.52 -36.91 11.10
N GLY B 92 -12.38 -36.41 10.66
CA GLY B 92 -11.96 -35.06 11.01
C GLY B 92 -11.26 -34.99 12.35
N ASN B 93 -11.90 -35.52 13.38
CA ASN B 93 -11.29 -35.74 14.68
C ASN B 93 -11.26 -37.25 14.93
N GLY B 94 -10.94 -37.65 16.15
CA GLY B 94 -10.92 -39.08 16.44
C GLY B 94 -9.62 -39.75 16.03
N ALA B 95 -9.72 -41.02 15.64
CA ALA B 95 -8.56 -41.88 15.49
C ALA B 95 -7.81 -41.62 14.19
N VAL B 96 -6.49 -41.55 14.28
CA VAL B 96 -5.68 -41.33 13.09
C VAL B 96 -5.65 -42.60 12.25
N ASN B 97 -5.65 -42.42 10.93
CA ASN B 97 -5.60 -43.52 9.98
CA ASN B 97 -5.60 -43.52 9.98
C ASN B 97 -4.16 -43.67 9.51
N GLU B 98 -3.49 -44.66 10.10
CA GLU B 98 -2.09 -44.93 9.67
CA GLU B 98 -2.10 -44.93 9.67
C GLU B 98 -1.84 -45.18 8.14
N LYS B 99 -2.86 -45.80 7.54
CA LYS B 99 -2.78 -46.05 6.11
C LYS B 99 -2.76 -44.74 5.32
N GLY B 100 -3.51 -43.74 5.77
CA GLY B 100 -3.49 -42.46 5.09
C GLY B 100 -2.15 -41.75 5.24
N LEU B 101 -1.62 -41.72 6.47
CA LEU B 101 -0.28 -41.17 6.67
C LEU B 101 0.76 -41.95 5.89
N ASP B 102 0.57 -43.27 5.78
CA ASP B 102 1.55 -44.08 5.06
C ASP B 102 1.64 -43.70 3.59
N PHE B 103 0.53 -43.30 2.96
CA PHE B 103 0.62 -42.86 1.57
C PHE B 103 1.53 -41.64 1.44
N TYR B 104 1.31 -40.64 2.27
CA TYR B 104 2.15 -39.43 2.18
C TYR B 104 3.58 -39.72 2.60
N ASP B 105 3.79 -40.66 3.50
CA ASP B 105 5.15 -41.10 3.83
C ASP B 105 5.84 -41.71 2.62
N ARG B 106 5.15 -42.60 1.91
CA ARG B 106 5.71 -43.20 0.69
C ARG B 106 5.94 -42.14 -0.38
N LEU B 107 5.02 -41.19 -0.51
CA LEU B 107 5.19 -40.11 -1.49
C LEU B 107 6.42 -39.28 -1.17
N ILE B 108 6.56 -38.85 0.09
CA ILE B 108 7.68 -37.99 0.50
C ILE B 108 8.99 -38.73 0.31
N GLU B 109 9.01 -40.02 0.63
CA GLU B 109 10.21 -40.83 0.42
C GLU B 109 10.55 -40.93 -1.07
N GLU B 110 9.54 -41.14 -1.91
CA GLU B 110 9.77 -41.17 -3.34
C GLU B 110 10.33 -39.84 -3.85
N LEU B 111 9.81 -38.73 -3.34
CA LEU B 111 10.33 -37.42 -3.71
C LEU B 111 11.77 -37.27 -3.26
N ARG B 112 12.04 -37.54 -1.98
CA ARG B 112 13.39 -37.34 -1.45
C ARG B 112 14.39 -38.26 -2.13
N ASN B 113 13.97 -39.50 -2.43
CA ASN B 113 14.86 -40.43 -3.12
C ASN B 113 15.19 -40.01 -4.54
N HIS B 114 14.48 -39.02 -5.09
CA HIS B 114 14.79 -38.47 -6.39
C HIS B 114 15.28 -37.02 -6.31
N GLY B 115 15.66 -36.57 -5.12
CA GLY B 115 16.21 -35.24 -4.95
C GLY B 115 15.23 -34.10 -5.11
N ILE B 116 13.95 -34.34 -4.87
CA ILE B 116 12.91 -33.33 -5.03
C ILE B 116 12.45 -32.88 -3.65
N GLU B 117 12.41 -31.57 -3.46
CA GLU B 117 11.99 -31.02 -2.16
C GLU B 117 10.48 -31.08 -2.04
N PRO B 118 9.92 -31.76 -1.03
CA PRO B 118 8.47 -31.70 -0.83
C PRO B 118 8.05 -30.38 -0.22
N ILE B 119 6.97 -29.81 -0.74
CA ILE B 119 6.28 -28.69 -0.09
C ILE B 119 4.89 -29.19 0.28
N VAL B 120 4.63 -29.33 1.57
CA VAL B 120 3.39 -29.94 2.06
C VAL B 120 2.37 -28.84 2.31
N THR B 121 1.21 -28.95 1.67
CA THR B 121 0.09 -28.04 1.86
C THR B 121 -0.91 -28.73 2.78
N LEU B 122 -1.23 -28.10 3.91
CA LEU B 122 -2.09 -28.73 4.90
C LEU B 122 -3.53 -28.85 4.41
N TYR B 123 -4.04 -27.83 3.71
CA TYR B 123 -5.47 -27.77 3.45
C TYR B 123 -5.76 -27.16 2.07
N HIS B 124 -6.31 -27.97 1.18
CA HIS B 124 -6.85 -27.51 -0.09
C HIS B 124 -8.31 -27.93 -0.20
N TRP B 125 -9.14 -27.39 0.69
CA TRP B 125 -10.59 -27.25 0.55
C TRP B 125 -11.36 -28.48 0.95
N ASP B 126 -10.70 -29.52 1.45
CA ASP B 126 -11.32 -30.85 1.57
C ASP B 126 -11.53 -31.27 3.02
N VAL B 127 -12.12 -30.39 3.83
CA VAL B 127 -12.42 -30.74 5.22
C VAL B 127 -13.31 -31.99 5.23
N PRO B 128 -13.10 -32.94 6.13
CA PRO B 128 -13.97 -34.12 6.16
C PRO B 128 -15.43 -33.74 6.34
N GLN B 129 -16.30 -34.41 5.58
CA GLN B 129 -17.74 -34.18 5.71
C GLN B 129 -18.24 -34.38 7.13
N ALA B 130 -17.62 -35.32 7.88
CA ALA B 130 -18.03 -35.56 9.26
C ALA B 130 -17.98 -34.28 10.09
N LEU B 131 -17.00 -33.41 9.84
CA LEU B 131 -16.93 -32.17 10.60
C LEU B 131 -17.99 -31.18 10.15
N MET B 132 -18.36 -31.20 8.88
CA MET B 132 -19.48 -30.39 8.44
CA MET B 132 -19.49 -30.41 8.40
C MET B 132 -20.76 -30.86 9.10
N ASP B 133 -20.97 -32.17 9.16
CA ASP B 133 -22.14 -32.71 9.83
C ASP B 133 -22.13 -32.42 11.33
N ALA B 134 -20.96 -32.58 11.97
CA ALA B 134 -20.92 -32.45 13.42
C ALA B 134 -21.20 -31.03 13.87
N TYR B 135 -20.53 -30.05 13.24
CA TYR B 135 -20.64 -28.70 13.75
C TYR B 135 -20.51 -27.61 12.69
N GLY B 136 -20.70 -27.93 11.41
CA GLY B 136 -20.61 -26.91 10.39
C GLY B 136 -19.20 -26.53 9.99
N ALA B 137 -18.20 -27.38 10.29
CA ALA B 137 -16.83 -27.21 9.84
C ALA B 137 -16.31 -25.80 10.14
N TRP B 138 -15.91 -25.05 9.11
CA TRP B 138 -15.23 -23.76 9.31
C TRP B 138 -16.11 -22.70 9.98
N GLU B 139 -17.40 -22.96 10.19
CA GLU B 139 -18.24 -22.00 10.91
C GLU B 139 -18.17 -22.16 12.42
N SER B 140 -17.46 -23.16 12.93
CA SER B 140 -17.37 -23.39 14.35
C SER B 140 -15.93 -23.27 14.81
N ARG B 141 -15.73 -22.65 15.97
CA ARG B 141 -14.41 -22.59 16.56
C ARG B 141 -13.89 -23.96 16.95
N ARG B 142 -14.74 -24.99 16.97
CA ARG B 142 -14.24 -26.33 17.23
C ARG B 142 -13.22 -26.77 16.18
N ILE B 143 -13.30 -26.20 14.96
CA ILE B 143 -12.38 -26.63 13.91
C ILE B 143 -10.95 -26.17 14.19
N ILE B 144 -10.75 -25.15 15.02
CA ILE B 144 -9.40 -24.67 15.30
C ILE B 144 -8.56 -25.77 15.94
N ASP B 145 -9.08 -26.41 16.99
CA ASP B 145 -8.33 -27.48 17.63
C ASP B 145 -8.29 -28.75 16.80
N ASP B 146 -9.34 -29.01 16.03
CA ASP B 146 -9.34 -30.21 15.20
C ASP B 146 -8.35 -30.07 14.05
N PHE B 147 -8.33 -28.90 13.41
CA PHE B 147 -7.33 -28.64 12.37
C PHE B 147 -5.92 -28.64 12.97
N ASP B 148 -5.76 -28.05 14.15
CA ASP B 148 -4.45 -28.03 14.79
C ASP B 148 -3.97 -29.45 15.09
N ARG B 149 -4.85 -30.30 15.61
CA ARG B 149 -4.45 -31.67 15.88
CA ARG B 149 -4.47 -31.67 15.89
C ARG B 149 -4.02 -32.38 14.62
N TYR B 150 -4.72 -32.13 13.51
CA TYR B 150 -4.36 -32.72 12.23
C TYR B 150 -3.01 -32.20 11.75
N ALA B 151 -2.79 -30.89 11.85
CA ALA B 151 -1.51 -30.34 11.42
C ALA B 151 -0.35 -30.86 12.27
N VAL B 152 -0.54 -30.92 13.59
CA VAL B 152 0.53 -31.39 14.48
C VAL B 152 0.87 -32.84 14.16
N THR B 153 -0.15 -33.65 13.85
CA THR B 153 0.10 -35.01 13.41
C THR B 153 1.05 -35.04 12.22
N LEU B 154 0.82 -34.17 11.24
CA LEU B 154 1.69 -34.12 10.06
C LEU B 154 3.06 -33.55 10.42
N PHE B 155 3.10 -32.53 11.28
CA PHE B 155 4.39 -31.96 11.69
C PHE B 155 5.27 -33.01 12.35
N GLN B 156 4.68 -33.81 13.24
CA GLN B 156 5.46 -34.82 13.96
C GLN B 156 5.95 -35.92 13.03
N ARG B 157 5.13 -36.33 12.07
CA ARG B 157 5.49 -37.45 11.20
CA ARG B 157 5.51 -37.45 11.21
C ARG B 157 6.46 -37.05 10.10
N PHE B 158 6.34 -35.82 9.58
CA PHE B 158 7.09 -35.41 8.41
C PHE B 158 8.01 -34.21 8.61
N GLY B 159 8.00 -33.60 9.79
CA GLY B 159 8.81 -32.41 10.00
C GLY B 159 10.30 -32.65 9.82
N ASP B 160 10.75 -33.89 10.08
CA ASP B 160 12.16 -34.23 9.88
C ASP B 160 12.56 -34.19 8.40
N ARG B 161 11.61 -34.29 7.49
CA ARG B 161 11.89 -34.41 6.07
C ARG B 161 11.27 -33.32 5.22
N VAL B 162 10.42 -32.46 5.78
CA VAL B 162 9.76 -31.40 5.03
C VAL B 162 10.11 -30.06 5.67
N LYS B 163 10.82 -29.21 4.93
CA LYS B 163 11.16 -27.88 5.42
C LYS B 163 10.04 -26.88 5.16
N TYR B 164 9.43 -26.94 3.97
CA TYR B 164 8.48 -25.92 3.54
C TYR B 164 7.05 -26.42 3.67
N TRP B 165 6.21 -25.63 4.36
CA TRP B 165 4.83 -25.99 4.63
C TRP B 165 3.91 -24.83 4.27
N VAL B 166 2.78 -25.15 3.64
CA VAL B 166 1.73 -24.17 3.37
C VAL B 166 0.52 -24.56 4.22
N THR B 167 -0.09 -23.59 4.88
CA THR B 167 -1.20 -23.89 5.79
C THR B 167 -2.49 -24.00 4.99
N LEU B 168 -3.20 -22.88 4.85
CA LEU B 168 -4.43 -22.84 4.08
C LEU B 168 -4.13 -22.39 2.66
N ASN B 169 -4.49 -23.20 1.67
CA ASN B 169 -4.34 -22.80 0.28
C ASN B 169 -5.59 -22.08 -0.19
N GLU B 170 -5.42 -20.82 -0.54
CA GLU B 170 -6.52 -19.99 -1.07
C GLU B 170 -7.74 -19.96 -0.16
N GLN B 171 -7.49 -19.54 1.05
CA GLN B 171 -8.59 -19.37 2.00
C GLN B 171 -9.64 -18.42 1.44
N ASN B 172 -9.20 -17.36 0.74
CA ASN B 172 -10.16 -16.41 0.18
C ASN B 172 -11.05 -17.07 -0.87
N ILE B 173 -10.58 -18.12 -1.54
CA ILE B 173 -11.41 -18.79 -2.53
C ILE B 173 -12.34 -19.79 -1.86
N PHE B 174 -11.82 -20.65 -0.97
CA PHE B 174 -12.76 -21.65 -0.45
C PHE B 174 -13.76 -21.04 0.52
N ILE B 175 -13.42 -19.89 1.12
CA ILE B 175 -14.39 -19.17 1.95
C ILE B 175 -15.40 -18.41 1.08
N SER B 176 -14.93 -17.57 0.15
CA SER B 176 -15.87 -16.80 -0.65
CA SER B 176 -15.87 -16.80 -0.65
CA SER B 176 -15.87 -16.80 -0.65
C SER B 176 -16.72 -17.70 -1.55
N PHE B 177 -16.12 -18.72 -2.15
CA PHE B 177 -16.89 -19.60 -3.02
C PHE B 177 -17.81 -20.51 -2.22
N GLY B 178 -17.41 -20.85 -0.99
CA GLY B 178 -18.25 -21.73 -0.18
C GLY B 178 -19.37 -21.02 0.56
N TYR B 179 -19.24 -19.72 0.80
CA TYR B 179 -20.17 -19.04 1.69
C TYR B 179 -20.77 -17.77 1.12
N ARG B 180 -20.19 -17.18 0.07
CA ARG B 180 -20.83 -16.04 -0.58
C ARG B 180 -21.43 -16.40 -1.93
N LEU B 181 -20.71 -17.15 -2.77
CA LEU B 181 -21.17 -17.49 -4.10
C LEU B 181 -21.90 -18.82 -4.16
N GLY B 182 -21.74 -19.67 -3.15
CA GLY B 182 -22.40 -20.97 -3.15
C GLY B 182 -21.92 -21.94 -4.19
N LEU B 183 -20.68 -21.79 -4.67
CA LEU B 183 -20.13 -22.61 -5.74
C LEU B 183 -19.23 -23.73 -5.24
N HIS B 184 -18.79 -23.65 -3.99
CA HIS B 184 -18.02 -24.67 -3.29
C HIS B 184 -18.84 -25.11 -2.09
N PRO B 185 -18.56 -26.27 -1.51
CA PRO B 185 -19.23 -26.64 -0.26
C PRO B 185 -18.88 -25.63 0.83
N PRO B 186 -19.84 -25.27 1.70
CA PRO B 186 -21.19 -25.86 1.86
C PRO B 186 -22.25 -25.36 0.90
N GLY B 187 -21.88 -24.61 -0.13
CA GLY B 187 -22.88 -24.09 -1.06
C GLY B 187 -23.76 -23.01 -0.47
N VAL B 188 -23.18 -22.09 0.29
CA VAL B 188 -23.93 -21.08 1.02
C VAL B 188 -23.77 -19.74 0.33
N LYS B 189 -24.82 -18.90 0.40
CA LYS B 189 -24.83 -17.53 -0.13
C LYS B 189 -25.24 -16.60 1.01
N ASP B 190 -24.30 -16.28 1.89
CA ASP B 190 -24.61 -15.57 3.13
C ASP B 190 -23.33 -14.88 3.57
N MET B 191 -23.23 -13.57 3.31
CA MET B 191 -21.98 -12.87 3.62
CA MET B 191 -21.99 -12.86 3.61
C MET B 191 -21.68 -12.86 5.11
N LYS B 192 -22.71 -12.82 5.95
CA LYS B 192 -22.46 -12.86 7.39
C LYS B 192 -21.78 -14.17 7.79
N ARG B 193 -22.28 -15.30 7.28
CA ARG B 193 -21.60 -16.57 7.54
C ARG B 193 -20.21 -16.60 6.90
N MET B 194 -20.07 -16.00 5.71
CA MET B 194 -18.75 -15.98 5.07
CA MET B 194 -18.75 -15.98 5.06
C MET B 194 -17.70 -15.34 5.97
N TYR B 195 -18.01 -14.16 6.52
CA TYR B 195 -16.99 -13.49 7.33
C TYR B 195 -16.76 -14.19 8.66
N GLU B 196 -17.79 -14.88 9.19
CA GLU B 196 -17.58 -15.67 10.40
C GLU B 196 -16.68 -16.87 10.13
N ALA B 197 -16.99 -17.65 9.08
CA ALA B 197 -16.12 -18.77 8.73
C ALA B 197 -14.72 -18.26 8.43
N ASN B 198 -14.62 -17.12 7.78
CA ASN B 198 -13.31 -16.57 7.44
C ASN B 198 -12.51 -16.23 8.68
N HIS B 199 -13.15 -15.64 9.69
CA HIS B 199 -12.43 -15.31 10.91
C HIS B 199 -11.93 -16.57 11.61
N ILE B 200 -12.76 -17.61 11.64
CA ILE B 200 -12.33 -18.86 12.25
C ILE B 200 -11.17 -19.47 11.48
N ALA B 201 -11.21 -19.43 10.14
CA ALA B 201 -10.07 -19.89 9.36
C ALA B 201 -8.81 -19.09 9.69
N ASN B 202 -8.95 -17.79 9.93
CA ASN B 202 -7.79 -16.98 10.30
C ASN B 202 -7.19 -17.46 11.61
N LEU B 203 -8.05 -17.78 12.58
CA LEU B 203 -7.57 -18.28 13.86
C LEU B 203 -6.93 -19.66 13.72
N ALA B 204 -7.48 -20.52 12.85
CA ALA B 204 -6.87 -21.82 12.62
C ALA B 204 -5.50 -21.67 11.98
N ASN B 205 -5.37 -20.80 10.98
CA ASN B 205 -4.07 -20.53 10.40
C ASN B 205 -3.07 -20.13 11.48
N ALA B 206 -3.47 -19.22 12.36
CA ALA B 206 -2.56 -18.73 13.38
C ALA B 206 -2.20 -19.82 14.38
N LYS B 207 -3.17 -20.64 14.79
CA LYS B 207 -2.91 -21.70 15.74
C LYS B 207 -1.89 -22.70 15.21
N VAL B 208 -2.01 -23.08 13.94
CA VAL B 208 -1.10 -24.10 13.42
CA VAL B 208 -1.11 -24.08 13.37
C VAL B 208 0.29 -23.53 13.22
N ILE B 209 0.41 -22.25 12.85
CA ILE B 209 1.73 -21.64 12.73
C ILE B 209 2.41 -21.63 14.10
N GLN B 210 1.67 -21.28 15.14
CA GLN B 210 2.23 -21.34 16.49
C GLN B 210 2.69 -22.75 16.84
N SER B 211 1.86 -23.76 16.54
CA SER B 211 2.27 -25.14 16.77
C SER B 211 3.52 -25.50 15.96
N PHE B 212 3.60 -25.01 14.72
CA PHE B 212 4.74 -25.28 13.85
C PHE B 212 6.05 -24.78 14.47
N ARG B 213 6.02 -23.62 15.12
CA ARG B 213 7.23 -23.11 15.75
C ARG B 213 7.72 -24.05 16.85
N HIS B 214 6.81 -24.80 17.48
CA HIS B 214 7.19 -25.74 18.51
C HIS B 214 7.70 -27.05 17.91
N TYR B 215 6.96 -27.63 16.97
CA TYR B 215 7.28 -28.96 16.45
C TYR B 215 8.27 -28.95 15.30
N VAL B 216 8.31 -27.89 14.50
CA VAL B 216 9.26 -27.83 13.40
C VAL B 216 10.03 -26.51 13.49
N PRO B 217 10.89 -26.34 14.49
CA PRO B 217 11.50 -25.03 14.73
C PRO B 217 12.38 -24.54 13.58
N ASP B 218 12.91 -25.41 12.75
CA ASP B 218 13.73 -24.96 11.62
C ASP B 218 13.01 -25.06 10.29
N GLY B 219 11.70 -25.28 10.29
CA GLY B 219 10.93 -25.25 9.07
C GLY B 219 10.50 -23.83 8.70
N LYS B 220 9.92 -23.72 7.51
CA LYS B 220 9.39 -22.47 6.98
C LYS B 220 7.93 -22.70 6.63
N ILE B 221 7.05 -21.79 7.05
CA ILE B 221 5.61 -21.99 6.90
C ILE B 221 4.94 -20.68 6.52
N GLY B 222 3.85 -20.79 5.77
CA GLY B 222 3.02 -19.64 5.46
C GLY B 222 1.70 -20.05 4.83
N PRO B 223 0.71 -19.17 4.89
CA PRO B 223 -0.50 -19.38 4.11
C PRO B 223 -0.22 -19.07 2.65
N SER B 224 -1.11 -19.51 1.78
CA SER B 224 -1.00 -19.16 0.38
C SER B 224 -2.28 -18.46 -0.05
N PHE B 225 -2.14 -17.28 -0.62
CA PHE B 225 -3.27 -16.42 -0.93
C PHE B 225 -3.50 -16.38 -2.43
N ALA B 226 -4.75 -16.52 -2.85
CA ALA B 226 -5.10 -16.37 -4.26
C ALA B 226 -5.18 -14.88 -4.58
N TYR B 227 -4.11 -14.37 -5.20
CA TYR B 227 -3.88 -12.93 -5.35
C TYR B 227 -4.16 -12.50 -6.78
N SER B 228 -5.23 -11.75 -6.97
CA SER B 228 -5.44 -11.03 -8.22
C SER B 228 -5.21 -9.56 -7.90
N PRO B 229 -4.05 -8.99 -8.20
CA PRO B 229 -3.86 -7.56 -7.93
C PRO B 229 -4.89 -6.72 -8.67
N MET B 230 -5.41 -5.71 -7.99
CA MET B 230 -6.41 -4.84 -8.57
C MET B 230 -5.76 -3.69 -9.32
N TYR B 231 -6.39 -3.28 -10.43
CA TYR B 231 -6.01 -2.10 -11.19
C TYR B 231 -7.19 -1.15 -11.24
N PRO B 232 -6.99 0.16 -11.19
CA PRO B 232 -8.06 1.06 -11.59
C PRO B 232 -8.15 1.09 -13.10
N TYR B 233 -9.38 1.31 -13.60
CA TYR B 233 -9.57 1.36 -15.04
C TYR B 233 -8.84 2.55 -15.66
N ASP B 234 -8.90 3.71 -15.02
CA ASP B 234 -8.18 4.88 -15.51
C ASP B 234 -7.95 5.81 -14.33
N SER B 235 -7.46 7.01 -14.63
CA SER B 235 -7.14 8.05 -13.67
C SER B 235 -8.35 8.86 -13.18
N ARG B 236 -9.57 8.50 -13.56
CA ARG B 236 -10.72 9.16 -12.97
C ARG B 236 -10.70 8.94 -11.46
N PRO B 237 -10.79 9.98 -10.64
CA PRO B 237 -10.65 9.79 -9.18
C PRO B 237 -11.59 8.74 -8.62
N GLU B 238 -12.83 8.69 -9.12
CA GLU B 238 -13.79 7.69 -8.65
C GLU B 238 -13.36 6.27 -9.02
N ASN B 239 -12.60 6.11 -10.11
CA ASN B 239 -12.11 4.79 -10.46
C ASN B 239 -10.88 4.41 -9.63
N VAL B 240 -10.04 5.38 -9.31
CA VAL B 240 -8.95 5.08 -8.39
C VAL B 240 -9.49 4.73 -7.01
N LEU B 241 -10.54 5.43 -6.56
CA LEU B 241 -11.14 5.09 -5.27
C LEU B 241 -11.73 3.68 -5.31
N ALA B 242 -12.36 3.31 -6.43
CA ALA B 242 -12.84 1.94 -6.60
C ALA B 242 -11.70 0.94 -6.46
N PHE B 243 -10.54 1.27 -7.04
CA PHE B 243 -9.36 0.42 -6.91
C PHE B 243 -8.91 0.31 -5.46
N GLU B 244 -8.90 1.44 -4.73
CA GLU B 244 -8.52 1.39 -3.32
C GLU B 244 -9.44 0.44 -2.55
N ASN B 245 -10.74 0.55 -2.78
CA ASN B 245 -11.68 -0.34 -2.10
C ASN B 245 -11.49 -1.78 -2.54
N ALA B 246 -11.33 -2.02 -3.85
CA ALA B 246 -11.16 -3.39 -4.34
C ALA B 246 -9.90 -4.03 -3.78
N GLU B 247 -8.78 -3.31 -3.80
CA GLU B 247 -7.55 -3.90 -3.27
C GLU B 247 -7.70 -4.20 -1.78
N GLU B 248 -8.37 -3.32 -1.03
CA GLU B 248 -8.50 -3.54 0.40
C GLU B 248 -9.50 -4.66 0.71
N PHE B 249 -10.63 -4.68 0.01
CA PHE B 249 -11.67 -5.66 0.29
C PHE B 249 -11.31 -7.05 -0.20
N GLN B 250 -10.60 -7.12 -1.33
CA GLN B 250 -10.31 -8.42 -1.94
C GLN B 250 -8.96 -8.97 -1.54
N ASN B 251 -7.99 -8.10 -1.24
CA ASN B 251 -6.63 -8.55 -1.02
C ASN B 251 -6.11 -8.23 0.36
N HIS B 252 -6.15 -6.95 0.79
CA HIS B 252 -5.66 -6.64 2.14
C HIS B 252 -6.47 -7.36 3.20
N TRP B 253 -7.76 -7.57 2.97
CA TRP B 253 -8.60 -8.25 3.96
C TRP B 253 -8.01 -9.57 4.41
N TRP B 254 -7.33 -10.27 3.51
CA TRP B 254 -6.65 -11.52 3.85
C TRP B 254 -5.18 -11.32 4.20
N MET B 255 -4.43 -10.61 3.36
CA MET B 255 -2.98 -10.58 3.54
C MET B 255 -2.57 -9.71 4.73
N ASP B 256 -3.34 -8.65 5.05
CA ASP B 256 -3.09 -7.89 6.27
C ASP B 256 -3.24 -8.77 7.50
N VAL B 257 -4.21 -9.68 7.52
CA VAL B 257 -4.35 -10.57 8.67
C VAL B 257 -3.18 -11.54 8.73
N TYR B 258 -2.80 -12.11 7.59
CA TYR B 258 -1.67 -13.03 7.56
C TYR B 258 -0.37 -12.36 8.02
N ALA B 259 -0.15 -11.12 7.59
CA ALA B 259 1.15 -10.48 7.85
C ALA B 259 1.16 -9.71 9.15
N TRP B 260 0.06 -9.01 9.45
CA TRP B 260 -0.02 -8.13 10.61
C TRP B 260 -0.98 -8.60 11.69
N GLY B 261 -1.83 -9.59 11.40
CA GLY B 261 -2.84 -9.96 12.36
C GLY B 261 -3.93 -8.92 12.57
N MET B 262 -4.18 -8.03 11.60
CA MET B 262 -5.18 -6.99 11.73
CA MET B 262 -5.18 -6.99 11.72
C MET B 262 -5.99 -6.90 10.45
N TYR B 263 -7.29 -6.69 10.59
CA TYR B 263 -8.11 -6.39 9.43
C TYR B 263 -7.98 -4.92 9.04
N PRO B 264 -8.04 -4.61 7.75
CA PRO B 264 -8.01 -3.18 7.35
C PRO B 264 -9.28 -2.46 7.80
N GLN B 265 -9.10 -1.21 8.25
CA GLN B 265 -10.17 -0.57 9.02
C GLN B 265 -11.34 -0.12 8.16
N ALA B 266 -11.07 0.38 6.95
CA ALA B 266 -12.16 0.89 6.13
C ALA B 266 -13.11 -0.24 5.74
N ALA B 267 -12.53 -1.36 5.30
CA ALA B 267 -13.33 -2.55 5.03
C ALA B 267 -14.06 -2.99 6.30
N TRP B 268 -13.35 -3.04 7.43
CA TRP B 268 -14.00 -3.44 8.67
C TRP B 268 -15.19 -2.55 8.98
N ASN B 269 -15.01 -1.23 8.82
CA ASN B 269 -16.09 -0.29 9.14
C ASN B 269 -17.27 -0.47 8.19
N TYR B 270 -17.00 -0.71 6.90
CA TYR B 270 -18.08 -0.93 5.95
C TYR B 270 -18.87 -2.17 6.31
N LEU B 271 -18.17 -3.27 6.64
CA LEU B 271 -18.86 -4.50 7.02
C LEU B 271 -19.67 -4.31 8.29
N GLU B 272 -19.10 -3.60 9.27
CA GLU B 272 -19.80 -3.30 10.51
C GLU B 272 -21.07 -2.50 10.26
N SER B 273 -21.04 -1.59 9.28
CA SER B 273 -22.22 -0.82 8.93
C SER B 273 -23.32 -1.71 8.35
N GLN B 274 -22.95 -2.79 7.66
CA GLN B 274 -23.90 -3.77 7.14
C GLN B 274 -24.24 -4.86 8.13
N GLY B 275 -23.70 -4.81 9.35
CA GLY B 275 -23.87 -5.88 10.32
C GLY B 275 -23.20 -7.18 9.92
N LEU B 276 -22.09 -7.11 9.17
CA LEU B 276 -21.47 -8.31 8.61
C LEU B 276 -20.12 -8.64 9.22
N GLU B 277 -19.59 -7.80 10.11
CA GLU B 277 -18.27 -8.05 10.66
C GLU B 277 -18.28 -9.30 11.55
N PRO B 278 -17.18 -10.04 11.60
CA PRO B 278 -17.17 -11.29 12.35
C PRO B 278 -17.18 -11.09 13.86
N THR B 279 -17.63 -12.12 14.56
CA THR B 279 -17.59 -12.14 16.01
C THR B 279 -16.16 -12.32 16.49
N VAL B 280 -15.72 -11.45 17.39
CA VAL B 280 -14.36 -11.46 17.91
C VAL B 280 -14.39 -11.86 19.39
N ALA B 281 -13.58 -12.86 19.75
CA ALA B 281 -13.47 -13.30 21.12
C ALA B 281 -12.20 -12.76 21.76
N PRO B 282 -12.20 -12.60 23.09
CA PRO B 282 -10.96 -12.22 23.78
C PRO B 282 -9.82 -13.17 23.46
N GLY B 283 -8.69 -12.60 23.07
CA GLY B 283 -7.53 -13.37 22.66
C GLY B 283 -7.38 -13.52 21.16
N ASP B 284 -8.43 -13.23 20.38
CA ASP B 284 -8.34 -13.36 18.94
C ASP B 284 -7.22 -12.50 18.36
N TRP B 285 -7.22 -11.20 18.69
CA TRP B 285 -6.20 -10.32 18.14
C TRP B 285 -4.80 -10.76 18.56
N GLU B 286 -4.64 -11.15 19.83
CA GLU B 286 -3.34 -11.59 20.31
C GLU B 286 -2.84 -12.79 19.52
N LEU B 287 -3.70 -13.79 19.31
CA LEU B 287 -3.29 -14.96 18.55
C LEU B 287 -2.96 -14.61 17.11
N LEU B 288 -3.79 -13.80 16.46
CA LEU B 288 -3.56 -13.47 15.06
C LEU B 288 -2.29 -12.67 14.86
N GLN B 289 -1.99 -11.75 15.78
CA GLN B 289 -0.80 -10.92 15.64
C GLN B 289 0.48 -11.69 15.91
N ALA B 290 0.41 -12.77 16.69
CA ALA B 290 1.60 -13.51 17.10
C ALA B 290 2.03 -14.57 16.09
N ALA B 291 1.27 -14.81 15.02
CA ALA B 291 1.53 -15.91 14.12
C ALA B 291 2.16 -15.39 12.82
N LYS B 292 3.36 -14.86 12.95
CA LYS B 292 4.04 -14.32 11.79
CA LYS B 292 4.05 -14.31 11.79
C LYS B 292 4.52 -15.46 10.89
N PRO B 293 4.22 -15.41 9.60
CA PRO B 293 4.70 -16.46 8.68
C PRO B 293 6.10 -16.16 8.18
N ASP B 294 6.77 -17.22 7.70
CA ASP B 294 8.07 -17.04 7.09
C ASP B 294 7.99 -16.47 5.68
N PHE B 295 6.85 -16.64 5.02
CA PHE B 295 6.68 -16.17 3.65
C PHE B 295 5.20 -15.99 3.40
N MET B 296 4.88 -15.19 2.39
CA MET B 296 3.53 -15.16 1.84
C MET B 296 3.50 -16.10 0.64
N GLY B 297 2.68 -17.15 0.73
CA GLY B 297 2.45 -17.94 -0.45
C GLY B 297 1.54 -17.18 -1.39
N VAL B 298 1.82 -17.26 -2.68
CA VAL B 298 1.04 -16.54 -3.68
C VAL B 298 0.62 -17.48 -4.80
N ASN B 299 -0.69 -17.65 -4.97
CA ASN B 299 -1.27 -18.24 -6.17
C ASN B 299 -1.65 -17.10 -7.09
N TYR B 300 -0.95 -16.98 -8.22
CA TYR B 300 -1.21 -15.90 -9.16
C TYR B 300 -1.61 -16.45 -10.51
N TYR B 301 -2.67 -15.90 -11.07
CA TYR B 301 -3.08 -16.20 -12.44
C TYR B 301 -3.41 -14.97 -13.27
N GLN B 302 -3.94 -13.92 -12.65
CA GLN B 302 -4.42 -12.79 -13.43
C GLN B 302 -4.57 -11.58 -12.52
N THR B 303 -4.54 -10.40 -13.14
CA THR B 303 -4.97 -9.18 -12.48
C THR B 303 -6.46 -8.94 -12.74
N THR B 304 -7.03 -8.00 -11.99
CA THR B 304 -8.42 -7.59 -12.14
C THR B 304 -8.47 -6.07 -12.22
N THR B 305 -9.18 -5.55 -13.22
CA THR B 305 -9.36 -4.12 -13.37
C THR B 305 -10.76 -3.74 -12.89
N VAL B 306 -10.88 -2.63 -12.14
CA VAL B 306 -12.15 -2.27 -11.52
C VAL B 306 -12.49 -0.82 -11.86
N GLU B 307 -13.76 -0.49 -11.70
CA GLU B 307 -14.25 0.88 -11.87
C GLU B 307 -15.34 1.15 -10.84
N HIS B 308 -15.71 2.42 -10.75
CA HIS B 308 -16.77 2.83 -9.84
C HIS B 308 -18.05 2.05 -10.10
N ASN B 309 -18.78 1.78 -9.03
CA ASN B 309 -20.01 0.99 -9.07
C ASN B 309 -21.06 1.66 -8.17
N PRO B 310 -22.08 2.27 -8.73
CA PRO B 310 -23.07 3.03 -7.92
C PRO B 310 -23.78 2.14 -6.92
N PRO B 311 -24.46 2.72 -5.92
CA PRO B 311 -25.11 1.91 -4.88
C PRO B 311 -26.17 0.96 -5.43
N ASP B 312 -26.79 1.28 -6.56
CA ASP B 312 -27.75 0.38 -7.20
C ASP B 312 -27.10 -0.49 -8.27
N GLY B 313 -25.78 -0.52 -8.34
CA GLY B 313 -25.07 -1.09 -9.48
C GLY B 313 -24.86 -2.59 -9.41
N VAL B 314 -23.76 -3.03 -10.02
CA VAL B 314 -23.53 -4.43 -10.33
C VAL B 314 -23.24 -5.23 -9.06
N GLY B 315 -23.82 -6.41 -8.97
CA GLY B 315 -23.48 -7.34 -7.91
C GLY B 315 -22.78 -8.57 -8.48
N GLU B 316 -23.42 -9.72 -8.39
CA GLU B 316 -22.83 -10.94 -8.92
C GLU B 316 -22.99 -11.01 -10.43
N GLY B 317 -21.92 -11.40 -11.11
CA GLY B 317 -21.93 -11.56 -12.56
C GLY B 317 -21.80 -13.01 -12.98
N VAL B 318 -21.69 -13.20 -14.29
CA VAL B 318 -21.61 -14.52 -14.89
C VAL B 318 -20.16 -14.99 -14.90
N MET B 319 -19.93 -16.21 -14.45
CA MET B 319 -18.60 -16.80 -14.41
CA MET B 319 -18.60 -16.78 -14.42
C MET B 319 -18.48 -17.88 -15.47
N ASN B 320 -17.35 -17.87 -16.18
CA ASN B 320 -17.09 -18.79 -17.28
C ASN B 320 -16.55 -20.10 -16.72
N THR B 321 -17.35 -21.18 -16.81
CA THR B 321 -16.85 -22.52 -16.52
C THR B 321 -17.00 -23.45 -17.72
N THR B 322 -17.10 -22.90 -18.93
CA THR B 322 -17.29 -23.70 -20.12
C THR B 322 -16.11 -23.65 -21.09
N GLY B 323 -15.28 -22.61 -21.04
CA GLY B 323 -14.27 -22.43 -22.05
C GLY B 323 -14.72 -21.66 -23.26
N LYS B 324 -15.97 -21.20 -23.29
CA LYS B 324 -16.47 -20.32 -24.33
C LYS B 324 -16.03 -18.91 -24.01
N LYS B 325 -15.10 -18.38 -24.80
CA LYS B 325 -14.52 -17.08 -24.50
C LYS B 325 -15.57 -15.97 -24.61
N GLY B 326 -15.48 -14.99 -23.72
CA GLY B 326 -16.38 -13.87 -23.74
C GLY B 326 -17.70 -14.07 -23.03
N THR B 327 -17.81 -15.10 -22.18
CA THR B 327 -19.06 -15.35 -21.48
C THR B 327 -19.10 -14.77 -20.08
N SER B 328 -17.96 -14.44 -19.48
CA SER B 328 -17.94 -13.81 -18.18
C SER B 328 -18.48 -12.37 -18.28
N THR B 329 -19.13 -11.93 -17.21
CA THR B 329 -19.60 -10.56 -17.09
C THR B 329 -19.14 -9.97 -15.75
N SER B 330 -19.35 -8.66 -15.63
CA SER B 330 -18.81 -7.91 -14.51
C SER B 330 -19.43 -8.36 -13.20
N SER B 331 -18.60 -8.42 -12.16
CA SER B 331 -19.08 -8.60 -10.80
C SER B 331 -18.54 -7.47 -9.93
N GLY B 332 -19.25 -7.19 -8.85
CA GLY B 332 -18.78 -6.11 -8.00
C GLY B 332 -19.54 -6.07 -6.70
N ILE B 333 -19.25 -5.02 -5.93
CA ILE B 333 -19.97 -4.70 -4.71
C ILE B 333 -20.61 -3.34 -4.91
N PRO B 334 -21.94 -3.25 -4.90
CA PRO B 334 -22.59 -1.95 -5.11
C PRO B 334 -22.07 -0.92 -4.13
N GLY B 335 -21.78 0.27 -4.64
CA GLY B 335 -21.22 1.34 -3.86
C GLY B 335 -19.71 1.40 -3.83
N LEU B 336 -19.01 0.29 -4.09
CA LEU B 336 -17.57 0.23 -3.90
C LEU B 336 -16.78 0.04 -5.18
N PHE B 337 -17.10 -0.98 -5.98
CA PHE B 337 -16.35 -1.24 -7.20
C PHE B 337 -17.08 -2.33 -7.98
N LYS B 338 -16.75 -2.42 -9.27
CA LYS B 338 -17.11 -3.56 -10.10
C LYS B 338 -15.98 -3.83 -11.08
N THR B 339 -15.89 -5.08 -11.54
CA THR B 339 -14.84 -5.42 -12.48
C THR B 339 -15.21 -4.93 -13.88
N VAL B 340 -14.17 -4.75 -14.70
CA VAL B 340 -14.36 -4.38 -16.10
C VAL B 340 -13.22 -5.00 -16.89
N ARG B 341 -13.51 -5.38 -18.13
CA ARG B 341 -12.47 -5.94 -18.98
CA ARG B 341 -12.47 -5.94 -18.98
C ARG B 341 -11.31 -4.95 -19.12
N ASN B 342 -10.09 -5.45 -18.96
CA ASN B 342 -8.89 -4.64 -19.16
C ASN B 342 -8.56 -4.67 -20.65
N PRO B 343 -8.74 -3.55 -21.36
CA PRO B 343 -8.53 -3.57 -22.81
C PRO B 343 -7.08 -3.77 -23.22
N HIS B 344 -6.14 -3.74 -22.27
CA HIS B 344 -4.72 -3.75 -22.59
C HIS B 344 -4.07 -5.12 -22.42
N VAL B 345 -4.83 -6.16 -22.08
CA VAL B 345 -4.31 -7.51 -22.01
C VAL B 345 -5.29 -8.45 -22.72
N ASP B 346 -4.77 -9.58 -23.17
CA ASP B 346 -5.61 -10.62 -23.72
C ASP B 346 -6.16 -11.51 -22.60
N THR B 347 -7.06 -12.42 -22.95
CA THR B 347 -7.64 -13.35 -22.00
C THR B 347 -7.55 -14.78 -22.51
N THR B 348 -7.66 -15.73 -21.58
CA THR B 348 -7.76 -17.14 -21.94
C THR B 348 -9.18 -17.44 -22.42
N ASN B 349 -9.39 -18.69 -22.85
CA ASN B 349 -10.72 -19.11 -23.25
C ASN B 349 -11.68 -19.15 -22.08
N TRP B 350 -11.19 -19.08 -20.85
CA TRP B 350 -12.05 -18.96 -19.68
C TRP B 350 -12.09 -17.53 -19.15
N ASP B 351 -11.69 -16.57 -19.97
CA ASP B 351 -11.76 -15.14 -19.68
C ASP B 351 -10.84 -14.73 -18.53
N TRP B 352 -9.79 -15.50 -18.27
CA TRP B 352 -8.78 -15.09 -17.30
C TRP B 352 -7.76 -14.19 -17.99
N ALA B 353 -7.46 -13.06 -17.38
CA ALA B 353 -6.53 -12.12 -17.99
C ALA B 353 -5.12 -12.71 -18.03
N ILE B 354 -4.42 -12.47 -19.14
CA ILE B 354 -3.04 -12.87 -19.28
C ILE B 354 -2.22 -11.60 -19.07
N ASP B 355 -1.57 -11.51 -17.91
CA ASP B 355 -0.92 -10.27 -17.46
C ASP B 355 0.31 -10.64 -16.67
N PRO B 356 1.39 -11.00 -17.37
CA PRO B 356 2.64 -11.34 -16.64
C PRO B 356 3.21 -10.17 -15.87
N VAL B 357 3.15 -8.95 -16.43
CA VAL B 357 3.62 -7.78 -15.70
C VAL B 357 2.86 -7.65 -14.39
N GLY B 358 1.58 -8.04 -14.38
CA GLY B 358 0.81 -8.03 -13.15
C GLY B 358 1.39 -8.90 -12.06
N LEU B 359 2.09 -9.98 -12.42
CA LEU B 359 2.77 -10.77 -11.41
C LEU B 359 3.92 -9.97 -10.78
N ARG B 360 4.72 -9.28 -11.59
CA ARG B 360 5.74 -8.41 -11.01
C ARG B 360 5.11 -7.37 -10.09
N ILE B 361 3.97 -6.79 -10.52
CA ILE B 361 3.28 -5.80 -9.70
C ILE B 361 2.83 -6.41 -8.37
N GLY B 362 2.20 -7.59 -8.44
CA GLY B 362 1.75 -8.21 -7.20
C GLY B 362 2.89 -8.56 -6.26
N LEU B 363 4.00 -9.08 -6.81
CA LEU B 363 5.16 -9.36 -5.98
C LEU B 363 5.70 -8.08 -5.37
N ARG B 364 5.75 -7.01 -6.15
CA ARG B 364 6.23 -5.73 -5.63
C ARG B 364 5.33 -5.21 -4.53
N ARG B 365 4.00 -5.35 -4.69
CA ARG B 365 3.07 -4.84 -3.68
C ARG B 365 3.24 -5.58 -2.36
N ILE B 366 3.37 -6.91 -2.40
CA ILE B 366 3.55 -7.67 -1.17
C ILE B 366 4.85 -7.30 -0.47
N ALA B 367 5.95 -7.20 -1.23
CA ALA B 367 7.21 -6.80 -0.62
C ALA B 367 7.12 -5.39 -0.05
N ASN B 368 6.47 -4.49 -0.79
CA ASN B 368 6.36 -3.08 -0.41
C ASN B 368 5.51 -2.91 0.85
N ARG B 369 4.45 -3.72 0.99
CA ARG B 369 3.55 -3.53 2.12
C ARG B 369 3.98 -4.35 3.34
N TYR B 370 4.46 -5.58 3.14
CA TYR B 370 4.73 -6.49 4.23
C TYR B 370 6.19 -6.86 4.42
N GLN B 371 7.06 -6.59 3.43
CA GLN B 371 8.47 -6.97 3.49
C GLN B 371 8.65 -8.46 3.76
N LEU B 372 7.75 -9.27 3.19
CA LEU B 372 7.83 -10.73 3.34
C LEU B 372 8.46 -11.36 2.10
N PRO B 373 9.30 -12.39 2.31
CA PRO B 373 9.64 -13.28 1.20
C PRO B 373 8.37 -13.93 0.64
N ILE B 374 8.40 -14.29 -0.63
CA ILE B 374 7.24 -14.84 -1.32
C ILE B 374 7.60 -16.18 -1.93
N LEU B 375 6.75 -17.19 -1.69
CA LEU B 375 6.82 -18.46 -2.41
C LEU B 375 5.65 -18.47 -3.39
N ILE B 376 5.94 -18.53 -4.68
CA ILE B 376 4.86 -18.57 -5.64
C ILE B 376 4.41 -20.02 -5.71
N THR B 377 3.25 -20.30 -5.14
CA THR B 377 2.76 -21.66 -4.94
C THR B 377 1.93 -22.18 -6.10
N GLU B 378 1.42 -21.29 -6.95
CA GLU B 378 0.62 -21.66 -8.12
C GLU B 378 0.75 -20.57 -9.16
N ASN B 379 0.96 -20.98 -10.41
CA ASN B 379 0.85 -20.12 -11.58
C ASN B 379 0.83 -21.01 -12.80
N GLY B 380 -0.07 -20.76 -13.75
CA GLY B 380 -0.12 -21.61 -14.92
C GLY B 380 -1.22 -21.15 -15.84
N LEU B 381 -1.29 -21.81 -17.00
CA LEU B 381 -2.25 -21.50 -18.05
C LEU B 381 -3.20 -22.69 -18.22
N GLY B 382 -4.48 -22.45 -17.93
CA GLY B 382 -5.50 -23.47 -18.17
C GLY B 382 -6.04 -23.35 -19.58
N GLU B 383 -5.85 -24.37 -20.41
CA GLU B 383 -6.23 -24.29 -21.82
C GLU B 383 -6.50 -25.68 -22.38
N PHE B 384 -7.25 -25.71 -23.47
CA PHE B 384 -7.46 -26.95 -24.22
C PHE B 384 -6.14 -27.42 -24.83
N ASP B 385 -5.88 -28.72 -24.73
CA ASP B 385 -4.74 -29.34 -25.40
C ASP B 385 -5.25 -30.40 -26.37
N THR B 386 -4.55 -30.54 -27.50
CA THR B 386 -4.84 -31.59 -28.47
C THR B 386 -3.69 -32.59 -28.50
N LEU B 387 -4.02 -33.88 -28.44
CA LEU B 387 -3.01 -34.93 -28.56
C LEU B 387 -2.83 -35.23 -30.05
N GLU B 388 -1.66 -34.95 -30.56
CA GLU B 388 -1.39 -35.16 -31.97
C GLU B 388 -0.62 -36.47 -32.17
N PRO B 389 -0.62 -37.01 -33.40
CA PRO B 389 0.10 -38.27 -33.64
C PRO B 389 1.56 -38.18 -33.21
N GLY B 390 2.07 -39.31 -32.70
CA GLY B 390 3.41 -39.36 -32.19
C GLY B 390 3.55 -38.95 -30.74
N ASP B 391 2.45 -38.93 -29.99
CA ASP B 391 2.42 -38.45 -28.61
C ASP B 391 3.04 -37.05 -28.51
N ILE B 392 2.53 -36.16 -29.35
CA ILE B 392 2.97 -34.77 -29.39
C ILE B 392 1.83 -33.89 -28.89
N VAL B 393 2.10 -33.11 -27.86
CA VAL B 393 1.18 -32.07 -27.39
C VAL B 393 1.96 -30.77 -27.52
N ASN B 394 1.61 -29.96 -28.52
CA ASN B 394 2.33 -28.72 -28.84
C ASN B 394 1.65 -27.57 -28.13
N ASP B 395 1.94 -27.43 -26.84
CA ASP B 395 1.30 -26.40 -26.04
C ASP B 395 2.19 -25.16 -25.94
N ASP B 396 2.53 -24.63 -27.12
CA ASP B 396 3.33 -23.41 -27.19
C ASP B 396 2.66 -22.26 -26.45
N TYR B 397 1.32 -22.24 -26.43
CA TYR B 397 0.57 -21.23 -25.68
C TYR B 397 0.90 -21.30 -24.20
N ARG B 398 1.04 -22.51 -23.66
CA ARG B 398 1.41 -22.65 -22.24
C ARG B 398 2.85 -22.24 -22.01
N ILE B 399 3.76 -22.61 -22.92
CA ILE B 399 5.14 -22.16 -22.82
C ILE B 399 5.22 -20.65 -22.82
N ASP B 400 4.49 -20.01 -23.75
CA ASP B 400 4.52 -18.55 -23.84
C ASP B 400 4.06 -17.91 -22.53
N TYR B 401 2.94 -18.39 -21.98
CA TYR B 401 2.44 -17.85 -20.72
C TYR B 401 3.47 -18.04 -19.61
N LEU B 402 3.98 -19.26 -19.47
CA LEU B 402 4.93 -19.53 -18.39
C LEU B 402 6.22 -18.73 -18.56
N ARG B 403 6.74 -18.66 -19.80
CA ARG B 403 7.96 -17.90 -20.06
C ARG B 403 7.83 -16.46 -19.58
N ARG B 404 6.75 -15.80 -19.99
CA ARG B 404 6.60 -14.38 -19.67
C ARG B 404 6.44 -14.17 -18.17
N HIS B 405 5.74 -15.08 -17.48
CA HIS B 405 5.60 -14.92 -16.04
C HIS B 405 6.93 -15.16 -15.33
N VAL B 406 7.71 -16.15 -15.77
CA VAL B 406 9.00 -16.37 -15.13
C VAL B 406 9.94 -15.19 -15.40
N GLN B 407 9.85 -14.60 -16.60
CA GLN B 407 10.66 -13.42 -16.93
C GLN B 407 10.33 -12.28 -15.98
N GLU B 408 9.06 -12.13 -15.64
CA GLU B 408 8.66 -11.06 -14.73
C GLU B 408 9.08 -11.37 -13.30
N ILE B 409 9.11 -12.64 -12.90
CA ILE B 409 9.68 -12.97 -11.59
C ILE B 409 11.13 -12.53 -11.52
N GLN B 410 11.91 -12.78 -12.58
CA GLN B 410 13.31 -12.36 -12.58
C GLN B 410 13.43 -10.85 -12.45
N ARG B 411 12.52 -10.11 -13.07
CA ARG B 411 12.54 -8.65 -12.91
C ARG B 411 12.17 -8.23 -11.49
N ALA B 412 11.22 -8.94 -10.86
CA ALA B 412 10.85 -8.62 -9.49
C ALA B 412 12.00 -8.93 -8.54
N ILE B 413 12.73 -10.01 -8.80
CA ILE B 413 13.91 -10.31 -7.99
C ILE B 413 14.95 -9.22 -8.16
N THR B 414 15.16 -8.78 -9.40
CA THR B 414 16.08 -7.68 -9.66
C THR B 414 15.61 -6.42 -8.95
N ASP B 415 14.28 -6.22 -8.86
CA ASP B 415 13.74 -5.08 -8.13
C ASP B 415 14.01 -5.17 -6.64
N GLY B 416 14.37 -6.35 -6.14
CA GLY B 416 14.57 -6.56 -4.71
C GLY B 416 13.56 -7.42 -4.00
N VAL B 417 12.57 -8.00 -4.71
CA VAL B 417 11.64 -8.92 -4.06
C VAL B 417 12.34 -10.23 -3.79
N ASP B 418 12.19 -10.75 -2.57
CA ASP B 418 12.74 -12.05 -2.17
C ASP B 418 11.74 -13.12 -2.59
N VAL B 419 12.00 -13.79 -3.71
CA VAL B 419 11.15 -14.88 -4.19
C VAL B 419 11.85 -16.20 -3.93
N LEU B 420 11.24 -17.04 -3.09
CA LEU B 420 11.86 -18.29 -2.69
C LEU B 420 11.77 -19.37 -3.77
N GLY B 421 10.79 -19.30 -4.64
CA GLY B 421 10.54 -20.39 -5.54
C GLY B 421 9.29 -20.13 -6.35
N TYR B 422 9.05 -21.05 -7.30
CA TYR B 422 8.00 -20.89 -8.29
C TYR B 422 7.44 -22.27 -8.56
N CYS B 423 6.17 -22.47 -8.21
CA CYS B 423 5.49 -23.76 -8.38
C CYS B 423 4.48 -23.61 -9.49
N ALA B 424 4.77 -24.16 -10.66
CA ALA B 424 3.82 -24.08 -11.75
C ALA B 424 2.62 -24.98 -11.46
N TRP B 425 1.42 -24.48 -11.75
CA TRP B 425 0.20 -25.30 -11.75
C TRP B 425 -0.07 -25.73 -13.19
N SER B 426 -0.07 -27.04 -13.46
CA SER B 426 0.11 -28.12 -12.52
C SER B 426 1.16 -29.10 -13.08
N PHE B 427 1.64 -30.07 -12.30
CA PHE B 427 2.65 -30.97 -12.86
C PHE B 427 2.04 -31.88 -13.92
N THR B 428 1.08 -32.72 -13.54
CA THR B 428 0.26 -33.41 -14.52
C THR B 428 -1.06 -32.67 -14.66
N ASP B 429 -1.73 -32.92 -15.79
CA ASP B 429 -3.14 -32.55 -15.89
C ASP B 429 -3.89 -33.10 -14.70
N LEU B 430 -4.92 -32.38 -14.28
CA LEU B 430 -5.70 -32.85 -13.14
C LEU B 430 -7.12 -32.29 -13.25
N LEU B 431 -7.96 -32.66 -12.28
CA LEU B 431 -9.33 -32.21 -12.30
C LEU B 431 -9.39 -30.74 -11.93
N SER B 432 -10.04 -29.93 -12.76
CA SER B 432 -10.42 -28.59 -12.30
C SER B 432 -11.74 -28.73 -11.55
N ALA B 433 -11.76 -28.29 -10.28
CA ALA B 433 -12.91 -28.54 -9.42
C ALA B 433 -14.22 -28.15 -10.09
N LEU B 434 -14.26 -26.98 -10.75
CA LEU B 434 -15.47 -26.50 -11.39
C LEU B 434 -15.42 -26.49 -12.90
N ASN B 435 -14.28 -26.79 -13.52
CA ASN B 435 -14.15 -26.70 -14.96
C ASN B 435 -13.89 -28.03 -15.65
N GLY B 436 -13.85 -29.13 -14.91
CA GLY B 436 -13.69 -30.44 -15.55
C GLY B 436 -12.25 -30.73 -15.91
N TYR B 437 -12.08 -31.63 -16.88
CA TYR B 437 -10.73 -32.10 -17.26
C TYR B 437 -10.16 -31.40 -18.50
N GLN B 438 -11.01 -30.74 -19.29
CA GLN B 438 -10.53 -30.12 -20.54
C GLN B 438 -9.75 -28.83 -20.26
N LYS B 439 -9.96 -28.20 -19.12
CA LYS B 439 -9.17 -27.03 -18.77
C LYS B 439 -7.88 -27.52 -18.14
N ARG B 440 -6.88 -27.81 -18.99
CA ARG B 440 -5.65 -28.47 -18.58
C ARG B 440 -4.56 -27.48 -18.21
N TYR B 441 -3.78 -27.81 -17.16
CA TYR B 441 -2.62 -27.02 -16.77
C TYR B 441 -1.31 -27.78 -16.77
N GLY B 442 -1.30 -29.09 -17.06
CA GLY B 442 -0.11 -29.86 -16.77
C GLY B 442 1.05 -29.65 -17.75
N PHE B 443 2.25 -29.94 -17.25
CA PHE B 443 3.39 -30.27 -18.11
C PHE B 443 3.24 -31.65 -18.72
N VAL B 444 2.47 -32.51 -18.07
CA VAL B 444 2.25 -33.90 -18.48
C VAL B 444 0.78 -34.06 -18.80
N TYR B 445 0.47 -34.37 -20.05
CA TYR B 445 -0.89 -34.67 -20.46
C TYR B 445 -1.36 -35.97 -19.82
N VAL B 446 -2.59 -35.98 -19.30
CA VAL B 446 -3.23 -37.19 -18.81
C VAL B 446 -4.39 -37.54 -19.73
N ASN B 447 -4.42 -38.80 -20.20
CA ASN B 447 -5.32 -39.27 -21.25
C ASN B 447 -6.71 -39.58 -20.69
N ARG B 448 -7.53 -38.54 -20.57
CA ARG B 448 -8.96 -38.67 -20.34
C ARG B 448 -9.60 -37.33 -20.68
N ASP B 449 -10.91 -37.33 -20.86
CA ASP B 449 -11.65 -36.09 -21.04
C ASP B 449 -12.89 -36.16 -20.14
N ASP B 450 -13.87 -35.30 -20.39
CA ASP B 450 -15.01 -35.23 -19.49
C ASP B 450 -16.03 -36.35 -19.72
N GLU B 451 -16.05 -36.92 -20.92
CA GLU B 451 -16.90 -38.05 -21.23
C GLU B 451 -16.19 -39.39 -21.05
N SER B 452 -15.01 -39.51 -21.64
CA SER B 452 -14.30 -40.79 -21.72
C SER B 452 -13.17 -40.80 -20.69
N GLU B 453 -13.22 -41.78 -19.78
CA GLU B 453 -12.17 -41.90 -18.77
C GLU B 453 -10.90 -42.55 -19.31
N LYS B 454 -10.97 -43.23 -20.46
CA LYS B 454 -9.82 -43.85 -21.13
C LYS B 454 -8.86 -44.55 -20.17
N ASP B 455 -7.55 -44.38 -20.34
CA ASP B 455 -6.58 -45.12 -19.54
C ASP B 455 -5.70 -44.23 -18.68
N LEU B 456 -5.89 -42.91 -18.71
CA LEU B 456 -5.13 -41.97 -17.89
C LEU B 456 -3.61 -42.04 -18.15
N ARG B 457 -3.18 -42.53 -19.30
CA ARG B 457 -1.74 -42.60 -19.53
C ARG B 457 -1.14 -41.20 -19.59
N ARG B 458 0.13 -41.11 -19.20
CA ARG B 458 0.88 -39.86 -19.10
C ARG B 458 1.65 -39.63 -20.39
N ILE B 459 1.61 -38.39 -20.89
CA ILE B 459 2.31 -38.01 -22.11
C ILE B 459 2.96 -36.66 -21.88
N LYS B 460 4.28 -36.58 -22.05
CA LYS B 460 4.99 -35.31 -21.86
C LYS B 460 4.60 -34.32 -22.93
N LYS B 461 4.20 -33.11 -22.51
CA LYS B 461 3.90 -32.03 -23.45
C LYS B 461 5.19 -31.30 -23.81
N LYS B 462 5.11 -30.50 -24.87
CA LYS B 462 6.26 -29.67 -25.23
C LYS B 462 6.70 -28.78 -24.07
N SER B 463 5.76 -28.32 -23.24
CA SER B 463 6.12 -27.46 -22.11
C SER B 463 6.97 -28.20 -21.08
N PHE B 464 6.82 -29.53 -20.98
CA PHE B 464 7.65 -30.33 -20.09
C PHE B 464 9.13 -30.11 -20.39
N TYR B 465 9.48 -30.19 -21.67
CA TYR B 465 10.88 -30.04 -22.06
C TYR B 465 11.34 -28.59 -21.95
N TRP B 466 10.43 -27.64 -22.18
CA TRP B 466 10.81 -26.24 -21.99
C TRP B 466 11.19 -25.96 -20.53
N TYR B 467 10.38 -26.45 -19.59
CA TYR B 467 10.65 -26.22 -18.17
C TYR B 467 11.84 -27.03 -17.69
N GLN B 468 12.06 -28.21 -18.27
CA GLN B 468 13.28 -28.95 -18.01
C GLN B 468 14.51 -28.08 -18.30
N ARG B 469 14.49 -27.35 -19.40
CA ARG B 469 15.61 -26.48 -19.76
C ARG B 469 15.69 -25.27 -18.83
N VAL B 470 14.55 -24.73 -18.42
CA VAL B 470 14.53 -23.65 -17.42
C VAL B 470 15.27 -24.08 -16.16
N ILE B 471 14.91 -25.24 -15.62
CA ILE B 471 15.54 -25.71 -14.39
C ILE B 471 17.02 -26.00 -14.61
N GLU B 472 17.34 -26.62 -15.74
CA GLU B 472 18.72 -26.98 -16.06
C GLU B 472 19.63 -25.76 -16.04
N THR B 473 19.12 -24.62 -16.51
CA THR B 473 19.90 -23.39 -16.56
C THR B 473 19.58 -22.43 -15.41
N ASN B 474 18.86 -22.90 -14.38
CA ASN B 474 18.41 -22.09 -13.25
C ASN B 474 17.76 -20.79 -13.72
N GLY B 475 16.97 -20.90 -14.79
CA GLY B 475 16.19 -19.78 -15.27
C GLY B 475 16.95 -18.81 -16.15
N ALA B 476 18.19 -19.13 -16.49
CA ALA B 476 18.97 -18.25 -17.38
C ALA B 476 18.50 -18.37 -18.81
N GLU B 477 17.91 -19.49 -19.19
CA GLU B 477 17.42 -19.70 -20.55
C GLU B 477 15.91 -19.92 -20.48
N LEU B 478 15.17 -18.89 -20.86
CA LEU B 478 13.70 -18.92 -20.83
C LEU B 478 13.13 -18.96 -22.24
C2 BGC C . 5.25 22.61 -4.83
C3 BGC C . 5.54 23.20 -3.56
C4 BGC C . 4.36 23.07 -2.70
C5 BGC C . 4.07 21.54 -2.37
C6 BGC C . 2.70 21.33 -2.05
C1 BGC C . 5.23 21.12 -4.64
O1 BGC C . 4.90 20.49 -5.84
O2 BGC C . 6.31 22.92 -5.84
O3 BGC C . 5.94 24.64 -3.59
O4 BGC C . 4.76 23.81 -1.59
O5 BGC C . 4.28 20.67 -3.59
O6 BGC C . 2.62 20.64 -0.79
C1 BG6 C . 3.91 23.84 -0.53
C2 BG6 C . 4.65 24.73 0.41
O5 BG6 C . 2.49 24.35 -0.85
C3 BG6 C . 3.57 25.20 1.22
O2 BG6 C . 5.53 24.03 1.31
C4 BG6 C . 3.34 26.34 0.32
O3 BG6 C . 4.04 25.36 2.59
C5 BG6 C . 2.13 25.75 -0.42
O4 BG6 C . 3.26 27.59 1.00
C6 BG6 C . 1.83 26.55 -1.67
O6 BG6 C . 2.85 26.25 -2.59
P BG6 C . 3.13 27.51 -3.60
O1P BG6 C . 3.35 28.76 -2.78
O2P BG6 C . 4.39 27.18 -4.46
O3P BG6 C . 1.91 27.71 -4.50
C2 BGC D . -10.74 -19.31 -9.05
C3 BGC D . -10.24 -20.47 -8.36
C4 BGC D . -8.77 -20.63 -8.49
C5 BGC D . -8.04 -19.32 -7.91
C6 BGC D . -6.75 -19.09 -8.42
C1 BGC D . -10.20 -18.06 -8.43
O1 BGC D . -10.59 -16.94 -9.19
O2 BGC D . -12.23 -19.26 -8.95
O3 BGC D . -10.92 -21.71 -8.87
O4 BGC D . -8.45 -21.83 -7.83
O5 BGC D . -8.73 -18.07 -8.41
O6 BGC D . -5.87 -18.72 -7.36
C1 BG6 D . -7.12 -22.23 -7.78
C2 BG6 D . -6.94 -23.58 -7.11
O5 BG6 D . -6.44 -22.07 -9.14
C3 BG6 D . -6.77 -24.80 -7.97
O2 BG6 D . -5.70 -23.56 -6.36
C4 BG6 D . -7.13 -24.50 -9.37
O3 BG6 D . -7.62 -25.85 -7.42
C5 BG6 D . -6.31 -23.33 -9.92
O4 BG6 D . -6.85 -25.69 -10.15
C6 BG6 D . -6.89 -23.02 -11.28
O6 BG6 D . -8.25 -22.87 -11.03
P BG6 D . -9.30 -23.62 -12.07
O1P BG6 D . -8.98 -23.22 -13.48
O2P BG6 D . -10.71 -23.16 -11.67
O3P BG6 D . -9.13 -25.18 -11.91
N1 IMD E . 26.55 33.61 2.67
C2 IMD E . 26.77 34.08 3.92
N3 IMD E . 26.25 35.31 4.04
C4 IMD E . 25.68 35.65 2.86
C5 IMD E . 25.86 34.57 2.00
N1 IMD F . 19.96 32.23 -10.88
C2 IMD F . 19.19 31.32 -11.53
N3 IMD F . 19.88 30.15 -11.59
C4 IMD F . 21.08 30.32 -10.97
C5 IMD F . 21.13 31.64 -10.52
N1 IMD G . -0.58 20.69 26.54
C2 IMD G . 0.57 21.33 26.21
N3 IMD G . 1.49 20.40 25.84
C4 IMD G . 0.91 19.17 25.95
C5 IMD G . -0.39 19.36 26.39
N1 IMD H . 30.41 18.58 16.73
C2 IMD H . 29.19 19.06 16.35
N3 IMD H . 28.52 18.10 15.65
C4 IMD H . 29.34 17.00 15.60
C5 IMD H . 30.51 17.31 16.27
#